data_3RGZ
#
_entry.id   3RGZ
#
_cell.length_a   170.410
_cell.length_b   66.820
_cell.length_c   114.341
_cell.angle_alpha   90.00
_cell.angle_beta   119.50
_cell.angle_gamma   90.00
#
_symmetry.space_group_name_H-M   'C 1 2 1'
#
loop_
_entity.id
_entity.type
_entity.pdbx_description
1 polymer 'Protein BRASSINOSTEROID INSENSITIVE 1'
2 branched 2-acetamido-2-deoxy-beta-D-glucopyranose-(1-4)-2-acetamido-2-deoxy-beta-D-glucopyranose-(1-4)-2-acetamido-2-deoxy-beta-D-glucopyranose
3 branched 2-acetamido-2-deoxy-beta-D-glucopyranose-(1-4)-2-acetamido-2-deoxy-beta-D-glucopyranose
4 branched 2-acetamido-2-deoxy-beta-D-glucopyranose-(1-4)-2-acetamido-2-deoxy-beta-D-glucopyranose-(1-4)-2-acetamido-2-deoxy-beta-D-glucopyranose-(1-4)-2-acetamido-2-deoxy-beta-D-glucopyranose
5 non-polymer Brassinolide
6 non-polymer 'SULFATE ION'
7 non-polymer 2-acetamido-2-deoxy-beta-D-glucopyranose
8 water water
#
_entity_poly.entity_id   1
_entity_poly.type   'polypeptide(L)'
_entity_poly.pdbx_seq_one_letter_code
;SFQASPSQSLYREIHQLISFKDVLPDKNLLPDWSSNKNPCTFDGVTCRDDKVTSIDLSSKPLNVGFSAVSSSLLSLTGLE
SLFLSNSHINGSVSGFKCSASLTSLDLSRNSLSGPVTTLTSLGSCSGLKFLNVSSNTLDFPGKVSGGLKLNSLEVLDLSA
NSISGANVVGWVLSDGCGELKHLAISGNKISGDVDVSRCVNLEFLDVSSNNFSTGIPFLGDCSALQHLDISGNKLSGDFS
RAISTCTELKLLNISSNQFVGPIPPLPLKSLQYLSLAENKFTGEIPDFLSGACDTLTGLDLSGNHFYGAVPPFFGSCSLL
ESLALSSNNFSGELPMDTLLKMRGLKVLDLSFNEFSGELPESLTNLSASLLTLDLSSNNFSGPILPNLCQNPKNTLQELY
LQNNGFTGKIPPTLSNCSELVSLHLSFNYLSGTIPSSLGSLSKLRDLKLWLNMLEGEIPQELMYVKTLETLILDFNDLTG
EIPSGLSNCTNLNWISLSNNRLTGEIPKWIGRLENLAILKLSNNSFSGNIPAELGDCRSLIWLDLNTNLFNGTIPAAMFK
QSGKIAANFIAGKRYVYIKNDGMKKECHGAGNLLEFQGIRSEQLNRLSTRNPCNITSRVYGGHTSPTFDNNGSMMFLDMS
YNMLSGYIPKEIGSMPYLFILNLGHNDISGSIPDEVGDLRGLNILDLSSNKLDGRIPQAMSALTMLTEIDLSNNNLSGPI
PEMGQFETFPPAKFLNNPGLCGYPLPRCDPSNADGYAHHQRSHHHHHH
;
_entity_poly.pdbx_strand_id   A
#
# COMPACT_ATOMS: atom_id res chain seq x y z
N GLN A 8 -28.62 -10.38 -41.63
CA GLN A 8 -28.77 -10.22 -40.18
C GLN A 8 -30.22 -10.44 -39.71
N SER A 9 -30.71 -11.67 -39.82
CA SER A 9 -32.08 -11.97 -39.40
C SER A 9 -32.19 -12.03 -37.88
N LEU A 10 -33.39 -11.74 -37.38
CA LEU A 10 -33.69 -11.85 -35.95
C LEU A 10 -33.53 -13.31 -35.53
N TYR A 11 -33.85 -14.21 -36.44
CA TYR A 11 -33.80 -15.64 -36.20
C TYR A 11 -32.39 -16.09 -35.78
N ARG A 12 -31.39 -15.68 -36.55
CA ARG A 12 -30.00 -16.05 -36.30
C ARG A 12 -29.48 -15.38 -35.04
N GLU A 13 -29.77 -14.09 -34.95
CA GLU A 13 -29.38 -13.27 -33.83
C GLU A 13 -29.83 -13.92 -32.52
N ILE A 14 -31.12 -14.23 -32.44
CA ILE A 14 -31.65 -14.77 -31.20
C ILE A 14 -31.11 -16.19 -30.91
N HIS A 15 -31.00 -17.03 -31.94
CA HIS A 15 -30.45 -18.38 -31.73
C HIS A 15 -28.99 -18.33 -31.31
N GLN A 16 -28.24 -17.36 -31.83
CA GLN A 16 -26.85 -17.22 -31.46
C GLN A 16 -26.66 -16.76 -30.03
N LEU A 17 -27.45 -15.78 -29.61
CA LEU A 17 -27.36 -15.28 -28.24
C LEU A 17 -27.75 -16.36 -27.24
N ILE A 18 -28.85 -17.04 -27.51
CA ILE A 18 -29.35 -18.07 -26.63
C ILE A 18 -28.43 -19.31 -26.60
N SER A 19 -27.84 -19.66 -27.74
CA SER A 19 -26.93 -20.80 -27.77
C SER A 19 -25.69 -20.51 -26.91
N PHE A 20 -25.36 -19.22 -26.79
CA PHE A 20 -24.26 -18.83 -25.93
C PHE A 20 -24.67 -18.94 -24.46
N LYS A 21 -25.84 -18.44 -24.13
CA LYS A 21 -26.35 -18.57 -22.76
C LYS A 21 -26.46 -20.04 -22.34
N ASP A 22 -26.90 -20.88 -23.26
CA ASP A 22 -27.11 -22.30 -22.99
C ASP A 22 -25.80 -23.06 -22.66
N VAL A 23 -24.65 -22.46 -22.93
CA VAL A 23 -23.38 -23.12 -22.59
C VAL A 23 -22.70 -22.55 -21.35
N LEU A 24 -23.32 -21.56 -20.71
CA LEU A 24 -22.78 -21.02 -19.47
C LEU A 24 -23.00 -22.00 -18.32
N PRO A 25 -21.93 -22.28 -17.56
CA PRO A 25 -21.94 -23.21 -16.42
C PRO A 25 -22.87 -22.73 -15.32
N ASP A 26 -22.78 -21.44 -15.00
CA ASP A 26 -23.64 -20.87 -13.99
C ASP A 26 -24.99 -20.54 -14.60
N LYS A 27 -26.00 -21.33 -14.25
CA LYS A 27 -27.36 -21.08 -14.69
C LYS A 27 -27.85 -19.72 -14.17
N ASN A 28 -27.25 -19.24 -13.10
CA ASN A 28 -27.59 -17.93 -12.54
C ASN A 28 -27.24 -16.77 -13.47
N LEU A 29 -26.36 -17.02 -14.45
CA LEU A 29 -25.92 -15.97 -15.36
C LEU A 29 -26.92 -15.66 -16.47
N LEU A 30 -26.94 -14.40 -16.88
CA LEU A 30 -27.82 -13.91 -17.98
C LEU A 30 -29.26 -14.31 -17.78
N PRO A 31 -29.78 -14.06 -16.57
CA PRO A 31 -31.09 -14.55 -16.16
C PRO A 31 -32.19 -14.06 -17.07
N ASP A 32 -32.02 -12.93 -17.74
CA ASP A 32 -33.11 -12.39 -18.55
C ASP A 32 -32.96 -12.65 -20.06
N TRP A 33 -31.91 -13.35 -20.46
CA TRP A 33 -31.82 -13.74 -21.86
C TRP A 33 -32.78 -14.90 -22.10
N SER A 34 -33.61 -14.78 -23.12
CA SER A 34 -34.60 -15.82 -23.35
C SER A 34 -35.05 -15.79 -24.80
N SER A 35 -35.33 -16.98 -25.34
CA SER A 35 -35.87 -17.06 -26.69
C SER A 35 -37.30 -16.49 -26.64
N ASN A 36 -37.77 -16.29 -25.41
CA ASN A 36 -39.04 -15.62 -25.14
C ASN A 36 -39.02 -14.09 -25.26
N LYS A 37 -37.83 -13.48 -25.28
CA LYS A 37 -37.70 -12.02 -25.35
C LYS A 37 -36.88 -11.53 -26.55
N ASN A 38 -37.13 -10.30 -26.95
CA ASN A 38 -36.33 -9.61 -27.96
C ASN A 38 -34.92 -9.31 -27.42
N PRO A 39 -33.88 -9.67 -28.18
CA PRO A 39 -32.47 -9.44 -27.80
C PRO A 39 -32.25 -8.04 -27.27
N CYS A 40 -32.92 -7.07 -27.88
CA CYS A 40 -32.74 -5.68 -27.50
C CYS A 40 -33.18 -5.37 -26.05
N THR A 41 -33.91 -6.28 -25.41
CA THR A 41 -34.28 -6.13 -24.00
C THR A 41 -33.29 -6.80 -23.05
N PHE A 42 -32.30 -7.51 -23.57
CA PHE A 42 -31.38 -8.25 -22.69
C PHE A 42 -30.43 -7.30 -21.98
N ASP A 43 -30.08 -7.59 -20.74
CA ASP A 43 -29.03 -6.85 -20.06
C ASP A 43 -27.69 -7.16 -20.72
N GLY A 44 -26.92 -6.12 -21.04
CA GLY A 44 -25.62 -6.28 -21.67
C GLY A 44 -25.68 -6.16 -23.18
N VAL A 45 -26.88 -6.02 -23.73
CA VAL A 45 -27.03 -5.86 -25.18
C VAL A 45 -27.43 -4.43 -25.53
N THR A 46 -26.85 -3.92 -26.61
CA THR A 46 -27.18 -2.59 -27.11
C THR A 46 -27.63 -2.76 -28.54
N CYS A 47 -28.70 -2.07 -28.91
CA CYS A 47 -29.24 -2.16 -30.26
C CYS A 47 -29.36 -0.79 -30.90
N ARG A 48 -29.43 -0.81 -32.23
CA ARG A 48 -29.78 0.38 -33.00
C ARG A 48 -30.81 -0.02 -34.02
N ASP A 49 -31.93 0.69 -34.02
CA ASP A 49 -33.05 0.34 -34.87
C ASP A 49 -33.41 -1.13 -34.78
N ASP A 50 -33.39 -1.64 -33.56
CA ASP A 50 -33.94 -2.97 -33.27
C ASP A 50 -33.02 -4.09 -33.71
N LYS A 51 -31.75 -3.76 -33.95
CA LYS A 51 -30.71 -4.75 -34.28
C LYS A 51 -29.54 -4.62 -33.31
N VAL A 52 -28.98 -5.76 -32.91
CA VAL A 52 -27.89 -5.79 -31.95
C VAL A 52 -26.61 -5.17 -32.49
N THR A 53 -26.10 -4.16 -31.80
CA THR A 53 -24.86 -3.52 -32.25
C THR A 53 -23.70 -3.72 -31.28
N SER A 54 -24.03 -4.00 -30.03
CA SER A 54 -22.97 -4.16 -29.04
C SER A 54 -23.35 -5.09 -27.89
N ILE A 55 -22.38 -5.87 -27.43
CA ILE A 55 -22.60 -6.73 -26.29
C ILE A 55 -21.54 -6.47 -25.23
N ASP A 56 -22.00 -6.31 -24.00
CA ASP A 56 -21.10 -6.02 -22.88
C ASP A 56 -21.40 -6.93 -21.70
N LEU A 57 -20.59 -7.97 -21.51
CA LEU A 57 -20.80 -8.91 -20.41
C LEU A 57 -19.63 -8.86 -19.43
N SER A 58 -18.97 -7.72 -19.37
CA SER A 58 -17.79 -7.55 -18.54
C SER A 58 -18.15 -7.63 -17.07
N SER A 59 -17.25 -8.21 -16.28
CA SER A 59 -17.47 -8.39 -14.85
C SER A 59 -18.58 -9.40 -14.55
N LYS A 60 -18.81 -10.33 -15.46
CA LYS A 60 -19.70 -11.44 -15.18
C LYS A 60 -18.91 -12.73 -15.34
N PRO A 61 -18.93 -13.57 -14.31
CA PRO A 61 -18.22 -14.85 -14.25
C PRO A 61 -18.72 -15.84 -15.28
N LEU A 62 -18.50 -15.55 -16.56
CA LEU A 62 -18.95 -16.43 -17.64
C LEU A 62 -18.36 -17.84 -17.51
N ASN A 63 -17.05 -17.90 -17.29
CA ASN A 63 -16.38 -19.18 -17.13
C ASN A 63 -16.59 -20.09 -18.32
N VAL A 64 -16.31 -19.56 -19.49
CA VAL A 64 -16.33 -20.35 -20.72
C VAL A 64 -15.04 -20.12 -21.48
N GLY A 65 -14.85 -20.89 -22.55
CA GLY A 65 -13.66 -20.77 -23.37
C GLY A 65 -13.90 -19.76 -24.47
N PHE A 66 -12.82 -19.16 -24.97
CA PHE A 66 -12.91 -18.22 -26.09
C PHE A 66 -13.64 -18.80 -27.30
N SER A 67 -13.46 -20.10 -27.53
CA SER A 67 -14.12 -20.76 -28.67
C SER A 67 -15.65 -20.65 -28.61
N ALA A 68 -16.20 -20.65 -27.40
CA ALA A 68 -17.63 -20.48 -27.23
C ALA A 68 -18.01 -19.04 -27.55
N VAL A 69 -17.12 -18.12 -27.19
CA VAL A 69 -17.33 -16.71 -27.46
C VAL A 69 -17.24 -16.43 -28.95
N SER A 70 -16.23 -17.00 -29.60
CA SER A 70 -16.03 -16.74 -31.02
C SER A 70 -17.08 -17.45 -31.87
N SER A 71 -17.54 -18.61 -31.40
CA SER A 71 -18.58 -19.39 -32.10
C SER A 71 -19.93 -18.69 -32.10
N SER A 72 -20.30 -18.10 -30.98
CA SER A 72 -21.64 -17.52 -30.82
C SER A 72 -21.73 -16.01 -31.00
N LEU A 73 -20.84 -15.27 -30.34
CA LEU A 73 -21.00 -13.82 -30.29
C LEU A 73 -20.24 -13.10 -31.40
N LEU A 74 -18.99 -13.49 -31.67
CA LEU A 74 -18.15 -12.78 -32.63
C LEU A 74 -18.58 -12.95 -34.09
N SER A 75 -19.49 -13.88 -34.33
CA SER A 75 -20.01 -14.11 -35.68
C SER A 75 -21.40 -13.49 -35.86
N LEU A 76 -21.85 -12.72 -34.88
CA LEU A 76 -23.08 -11.96 -35.04
C LEU A 76 -22.95 -10.89 -36.12
N THR A 77 -23.67 -11.06 -37.22
CA THR A 77 -23.66 -10.06 -38.27
C THR A 77 -24.11 -8.69 -37.72
N GLY A 78 -23.37 -7.65 -38.03
CA GLY A 78 -23.76 -6.33 -37.60
C GLY A 78 -23.26 -5.92 -36.22
N LEU A 79 -22.70 -6.86 -35.46
CA LEU A 79 -22.10 -6.53 -34.17
C LEU A 79 -20.89 -5.60 -34.36
N GLU A 80 -20.85 -4.50 -33.61
CA GLU A 80 -19.79 -3.50 -33.76
C GLU A 80 -18.74 -3.56 -32.65
N SER A 81 -19.20 -3.81 -31.41
CA SER A 81 -18.29 -3.99 -30.28
C SER A 81 -18.66 -5.16 -29.37
N LEU A 82 -17.63 -5.77 -28.79
CA LEU A 82 -17.80 -6.81 -27.80
C LEU A 82 -16.91 -6.53 -26.60
N PHE A 83 -17.53 -6.31 -25.44
CA PHE A 83 -16.83 -6.09 -24.18
C PHE A 83 -16.98 -7.26 -23.19
N LEU A 84 -15.88 -7.96 -22.96
CA LEU A 84 -15.86 -9.11 -22.07
C LEU A 84 -14.73 -9.01 -21.06
N SER A 85 -14.52 -7.82 -20.51
CA SER A 85 -13.42 -7.62 -19.57
C SER A 85 -13.79 -8.23 -18.24
N ASN A 86 -12.85 -8.97 -17.65
CA ASN A 86 -13.12 -9.56 -16.36
C ASN A 86 -14.37 -10.43 -16.42
N SER A 87 -14.34 -11.41 -17.31
CA SER A 87 -15.49 -12.27 -17.57
C SER A 87 -15.15 -13.75 -17.39
N HIS A 88 -13.95 -14.02 -16.88
CA HIS A 88 -13.49 -15.38 -16.69
C HIS A 88 -13.58 -16.18 -17.97
N ILE A 89 -13.04 -15.61 -19.04
CA ILE A 89 -12.87 -16.36 -20.28
C ILE A 89 -11.48 -16.99 -20.25
N ASN A 90 -11.38 -18.27 -20.54
CA ASN A 90 -10.05 -18.89 -20.62
C ASN A 90 -9.81 -19.53 -21.99
N GLY A 91 -8.81 -20.40 -22.06
CA GLY A 91 -8.47 -21.02 -23.33
C GLY A 91 -7.63 -20.09 -24.21
N SER A 92 -7.64 -20.36 -25.51
CA SER A 92 -6.82 -19.63 -26.46
C SER A 92 -7.67 -19.12 -27.61
N VAL A 93 -7.23 -18.04 -28.26
CA VAL A 93 -7.89 -17.61 -29.48
C VAL A 93 -7.33 -18.38 -30.68
N SER A 94 -8.22 -18.86 -31.52
CA SER A 94 -7.84 -19.51 -32.76
C SER A 94 -8.72 -18.99 -33.88
N GLY A 95 -8.58 -19.56 -35.07
CA GLY A 95 -9.33 -19.11 -36.22
C GLY A 95 -10.83 -19.27 -36.06
N PHE A 96 -11.57 -18.29 -36.56
CA PHE A 96 -13.02 -18.31 -36.49
C PHE A 96 -13.57 -17.31 -37.49
N LYS A 97 -14.85 -17.42 -37.80
CA LYS A 97 -15.52 -16.48 -38.68
C LYS A 97 -15.92 -15.26 -37.86
N CYS A 98 -15.53 -14.08 -38.35
CA CYS A 98 -15.75 -12.84 -37.62
C CYS A 98 -16.45 -11.82 -38.50
N SER A 99 -17.49 -11.18 -37.98
CA SER A 99 -18.26 -10.22 -38.78
C SER A 99 -17.47 -8.96 -39.09
N ALA A 100 -17.63 -8.45 -40.30
CA ALA A 100 -16.87 -7.30 -40.79
C ALA A 100 -17.24 -6.00 -40.07
N SER A 101 -18.39 -6.01 -39.40
CA SER A 101 -18.86 -4.84 -38.67
C SER A 101 -18.12 -4.63 -37.34
N LEU A 102 -17.41 -5.65 -36.88
CA LEU A 102 -16.80 -5.62 -35.55
C LEU A 102 -15.55 -4.73 -35.50
N THR A 103 -15.62 -3.65 -34.72
CA THR A 103 -14.54 -2.67 -34.66
C THR A 103 -13.73 -2.71 -33.35
N SER A 104 -14.39 -3.05 -32.25
CA SER A 104 -13.76 -3.08 -30.93
C SER A 104 -13.96 -4.42 -30.24
N LEU A 105 -12.87 -4.95 -29.71
CA LEU A 105 -12.90 -6.17 -28.94
C LEU A 105 -12.15 -5.95 -27.62
N ASP A 106 -12.83 -6.10 -26.50
CA ASP A 106 -12.17 -5.98 -25.21
C ASP A 106 -12.21 -7.32 -24.47
N LEU A 107 -11.05 -7.96 -24.41
CA LEU A 107 -10.87 -9.25 -23.78
C LEU A 107 -9.94 -9.15 -22.56
N SER A 108 -9.79 -7.94 -22.03
CA SER A 108 -8.88 -7.70 -20.90
C SER A 108 -9.31 -8.41 -19.61
N ARG A 109 -8.34 -8.70 -18.76
CA ARG A 109 -8.59 -9.24 -17.42
C ARG A 109 -9.29 -10.61 -17.46
N ASN A 110 -8.76 -11.50 -18.27
CA ASN A 110 -9.27 -12.86 -18.34
C ASN A 110 -8.16 -13.84 -18.10
N SER A 111 -8.31 -15.06 -18.58
CA SER A 111 -7.26 -16.06 -18.44
C SER A 111 -6.88 -16.62 -19.80
N LEU A 112 -6.82 -15.77 -20.80
CA LEU A 112 -6.40 -16.24 -22.11
C LEU A 112 -4.94 -16.68 -22.06
N SER A 113 -4.64 -17.81 -22.69
CA SER A 113 -3.27 -18.31 -22.64
C SER A 113 -2.79 -18.77 -24.02
N GLY A 114 -1.55 -19.20 -24.08
CA GLY A 114 -0.95 -19.63 -25.33
C GLY A 114 -0.03 -18.56 -25.86
N PRO A 115 0.62 -18.85 -27.00
CA PRO A 115 1.54 -17.94 -27.66
C PRO A 115 0.79 -16.70 -28.11
N VAL A 116 1.43 -15.55 -27.99
CA VAL A 116 0.82 -14.30 -28.44
C VAL A 116 0.56 -14.38 -29.96
N THR A 117 1.17 -15.35 -30.63
CA THR A 117 0.93 -15.56 -32.06
C THR A 117 -0.50 -15.98 -32.37
N THR A 118 -1.22 -16.47 -31.35
CA THR A 118 -2.63 -16.80 -31.50
C THR A 118 -3.47 -15.58 -31.91
N LEU A 119 -3.04 -14.39 -31.49
CA LEU A 119 -3.79 -13.16 -31.79
C LEU A 119 -3.83 -12.86 -33.28
N THR A 120 -2.91 -13.45 -34.03
CA THR A 120 -2.90 -13.29 -35.48
C THR A 120 -4.21 -13.78 -36.10
N SER A 121 -4.86 -14.72 -35.43
CA SER A 121 -6.16 -15.23 -35.88
C SER A 121 -7.21 -14.12 -35.96
N LEU A 122 -7.09 -13.11 -35.09
CA LEU A 122 -8.08 -12.02 -35.10
C LEU A 122 -8.03 -11.26 -36.42
N GLY A 123 -7.06 -11.57 -37.25
CA GLY A 123 -6.96 -10.99 -38.58
C GLY A 123 -8.20 -11.20 -39.43
N SER A 124 -9.03 -12.17 -39.05
CA SER A 124 -10.27 -12.41 -39.79
C SER A 124 -11.37 -11.38 -39.45
N CYS A 125 -11.12 -10.54 -38.46
CA CYS A 125 -12.01 -9.41 -38.19
C CYS A 125 -11.58 -8.22 -39.03
N SER A 126 -12.10 -8.15 -40.26
CA SER A 126 -11.59 -7.20 -41.25
C SER A 126 -11.75 -5.74 -40.83
N GLY A 127 -12.75 -5.46 -39.99
CA GLY A 127 -12.98 -4.11 -39.50
C GLY A 127 -12.37 -3.81 -38.13
N LEU A 128 -11.62 -4.74 -37.56
CA LEU A 128 -11.12 -4.57 -36.18
C LEU A 128 -10.14 -3.40 -36.05
N LYS A 129 -10.46 -2.45 -35.18
CA LYS A 129 -9.62 -1.27 -35.00
C LYS A 129 -9.11 -1.12 -33.56
N PHE A 130 -9.82 -1.72 -32.62
CA PHE A 130 -9.48 -1.59 -31.20
CA PHE A 130 -9.47 -1.59 -31.21
C PHE A 130 -9.40 -2.97 -30.54
N LEU A 131 -8.22 -3.31 -30.05
CA LEU A 131 -8.02 -4.59 -29.40
C LEU A 131 -7.36 -4.46 -28.02
N ASN A 132 -8.10 -4.86 -26.99
CA ASN A 132 -7.57 -4.90 -25.63
C ASN A 132 -7.49 -6.35 -25.12
N VAL A 133 -6.27 -6.85 -24.94
CA VAL A 133 -6.08 -8.17 -24.34
C VAL A 133 -5.15 -8.11 -23.14
N SER A 134 -5.11 -6.96 -22.49
CA SER A 134 -4.31 -6.79 -21.30
C SER A 134 -4.82 -7.67 -20.15
N SER A 135 -3.92 -8.00 -19.23
CA SER A 135 -4.20 -8.83 -18.06
C SER A 135 -4.72 -10.21 -18.43
N ASN A 136 -3.90 -10.93 -19.18
CA ASN A 136 -4.10 -12.33 -19.47
C ASN A 136 -2.76 -13.04 -19.29
N THR A 137 -2.65 -14.26 -19.76
CA THR A 137 -1.39 -15.00 -19.59
C THR A 137 -0.75 -15.40 -20.91
N LEU A 138 -0.91 -14.58 -21.94
CA LEU A 138 -0.25 -14.79 -23.22
C LEU A 138 1.26 -14.68 -23.06
N ASP A 139 2.01 -15.45 -23.85
CA ASP A 139 3.47 -15.42 -23.78
C ASP A 139 4.12 -15.44 -25.17
N PHE A 140 5.44 -15.43 -25.20
CA PHE A 140 6.15 -15.55 -26.46
C PHE A 140 7.26 -16.60 -26.39
N PRO A 141 7.03 -17.75 -27.05
CA PRO A 141 7.84 -18.97 -27.10
C PRO A 141 9.30 -18.77 -26.72
N GLY A 142 10.18 -18.92 -27.69
CA GLY A 142 11.59 -18.66 -27.50
C GLY A 142 12.04 -17.62 -28.49
N LYS A 143 12.27 -18.06 -29.72
CA LYS A 143 12.70 -17.17 -30.79
C LYS A 143 11.50 -16.47 -31.44
N VAL A 144 11.62 -15.15 -31.59
CA VAL A 144 10.54 -14.32 -32.10
C VAL A 144 10.62 -14.17 -33.62
N SER A 145 9.56 -14.58 -34.31
CA SER A 145 9.57 -14.62 -35.78
C SER A 145 8.24 -14.20 -36.41
N GLY A 146 8.30 -13.72 -37.65
CA GLY A 146 7.12 -13.26 -38.36
C GLY A 146 6.61 -11.94 -37.81
N GLY A 147 5.29 -11.85 -37.64
CA GLY A 147 4.69 -10.65 -37.10
C GLY A 147 3.28 -10.87 -36.64
N LEU A 148 2.80 -10.00 -35.76
CA LEU A 148 1.43 -10.05 -35.29
C LEU A 148 0.47 -9.95 -36.47
N LYS A 149 0.80 -9.10 -37.44
CA LYS A 149 0.00 -8.92 -38.66
C LYS A 149 -1.43 -8.50 -38.38
N LEU A 150 -1.60 -7.54 -37.49
CA LEU A 150 -2.90 -6.90 -37.32
C LEU A 150 -2.75 -5.41 -37.65
N ASN A 151 -2.30 -5.12 -38.87
CA ASN A 151 -1.86 -3.76 -39.18
C ASN A 151 -2.97 -2.71 -39.36
N SER A 152 -4.22 -3.13 -39.23
CA SER A 152 -5.32 -2.18 -39.29
C SER A 152 -5.70 -1.61 -37.90
N LEU A 153 -5.12 -2.16 -36.84
CA LEU A 153 -5.40 -1.66 -35.48
C LEU A 153 -5.02 -0.19 -35.31
N GLU A 154 -5.93 0.57 -34.70
CA GLU A 154 -5.64 1.90 -34.22
C GLU A 154 -5.15 1.86 -32.77
N VAL A 155 -5.67 0.90 -32.01
CA VAL A 155 -5.36 0.76 -30.59
C VAL A 155 -5.06 -0.69 -30.24
N LEU A 156 -3.91 -0.90 -29.61
CA LEU A 156 -3.51 -2.23 -29.19
C LEU A 156 -2.93 -2.18 -27.78
N ASP A 157 -3.50 -2.98 -26.89
CA ASP A 157 -3.06 -3.06 -25.51
C ASP A 157 -2.79 -4.53 -25.15
N LEU A 158 -1.50 -4.85 -25.03
CA LEU A 158 -1.07 -6.19 -24.69
C LEU A 158 -0.49 -6.21 -23.28
N SER A 159 -0.83 -5.20 -22.50
CA SER A 159 -0.24 -5.00 -21.17
C SER A 159 -0.50 -6.10 -20.15
N ALA A 160 0.43 -6.28 -19.23
CA ALA A 160 0.25 -7.17 -18.08
C ALA A 160 -0.09 -8.58 -18.54
N ASN A 161 0.76 -9.12 -19.39
CA ASN A 161 0.66 -10.52 -19.77
C ASN A 161 1.91 -11.24 -19.28
N SER A 162 2.26 -12.34 -19.94
CA SER A 162 3.43 -13.12 -19.54
C SER A 162 4.43 -13.16 -20.67
N ILE A 163 4.58 -12.04 -21.36
CA ILE A 163 5.44 -11.94 -22.52
C ILE A 163 6.88 -11.63 -22.08
N SER A 164 7.76 -12.59 -22.30
CA SER A 164 9.17 -12.41 -22.01
C SER A 164 9.89 -12.63 -23.30
N GLY A 165 10.79 -11.73 -23.66
CA GLY A 165 11.55 -11.94 -24.87
C GLY A 165 12.08 -10.64 -25.43
N ALA A 166 13.15 -10.77 -26.21
CA ALA A 166 13.76 -9.64 -26.88
C ALA A 166 12.98 -9.28 -28.15
N ASN A 167 12.83 -7.98 -28.40
CA ASN A 167 12.33 -7.50 -29.67
C ASN A 167 10.90 -7.95 -29.99
N VAL A 168 10.12 -8.24 -28.96
CA VAL A 168 8.70 -8.49 -29.17
C VAL A 168 8.02 -7.31 -29.90
N VAL A 169 8.49 -6.09 -29.65
CA VAL A 169 7.89 -4.90 -30.25
C VAL A 169 8.03 -4.90 -31.78
N GLY A 170 9.19 -5.32 -32.28
CA GLY A 170 9.38 -5.43 -33.72
C GLY A 170 8.41 -6.43 -34.29
N TRP A 171 8.14 -7.48 -33.52
CA TRP A 171 7.23 -8.52 -33.98
C TRP A 171 5.83 -7.95 -34.11
N VAL A 172 5.40 -7.23 -33.09
CA VAL A 172 4.11 -6.58 -33.12
C VAL A 172 3.97 -5.67 -34.34
N LEU A 173 5.00 -4.88 -34.62
CA LEU A 173 4.94 -3.84 -35.64
C LEU A 173 5.36 -4.28 -37.04
N SER A 174 5.86 -5.51 -37.16
CA SER A 174 6.55 -5.99 -38.35
C SER A 174 5.80 -5.82 -39.68
N ASP A 175 4.51 -6.16 -39.71
CA ASP A 175 3.73 -6.08 -40.95
C ASP A 175 3.13 -4.69 -41.19
N GLY A 176 3.62 -3.67 -40.48
CA GLY A 176 3.14 -2.32 -40.69
C GLY A 176 2.38 -1.74 -39.50
N CYS A 177 2.47 -0.42 -39.33
CA CYS A 177 1.83 0.24 -38.21
C CYS A 177 1.37 1.65 -38.56
N GLY A 178 1.03 1.86 -39.83
CA GLY A 178 0.58 3.15 -40.32
C GLY A 178 -0.67 3.68 -39.64
N GLU A 179 -1.53 2.77 -39.21
CA GLU A 179 -2.81 3.12 -38.60
C GLU A 179 -2.74 3.29 -37.07
N LEU A 180 -1.66 2.79 -36.46
CA LEU A 180 -1.59 2.64 -35.02
C LEU A 180 -1.51 4.00 -34.33
N LYS A 181 -2.38 4.22 -33.36
CA LYS A 181 -2.40 5.48 -32.61
C LYS A 181 -1.98 5.27 -31.16
N HIS A 182 -2.26 4.08 -30.63
CA HIS A 182 -2.11 3.83 -29.19
C HIS A 182 -1.57 2.42 -29.00
N LEU A 183 -0.34 2.35 -28.49
CA LEU A 183 0.30 1.07 -28.21
C LEU A 183 0.69 1.02 -26.73
N ALA A 184 0.17 0.02 -26.04
CA ALA A 184 0.52 -0.20 -24.65
C ALA A 184 0.92 -1.66 -24.48
N ILE A 185 2.11 -1.87 -23.92
CA ILE A 185 2.60 -3.22 -23.62
C ILE A 185 3.35 -3.27 -22.29
N SER A 186 2.94 -2.43 -21.34
CA SER A 186 3.62 -2.41 -20.06
C SER A 186 3.31 -3.65 -19.25
N GLY A 187 4.10 -3.90 -18.21
CA GLY A 187 3.83 -4.99 -17.30
C GLY A 187 4.16 -6.36 -17.84
N ASN A 188 5.12 -6.41 -18.76
CA ASN A 188 5.65 -7.67 -19.26
C ASN A 188 7.16 -7.74 -18.97
N LYS A 189 7.85 -8.68 -19.63
CA LYS A 189 9.31 -8.76 -19.52
C LYS A 189 9.96 -8.68 -20.90
N ILE A 190 9.58 -7.65 -21.65
CA ILE A 190 10.11 -7.48 -23.00
C ILE A 190 11.40 -6.67 -22.97
N SER A 191 12.37 -7.09 -23.78
CA SER A 191 13.64 -6.38 -23.86
C SER A 191 14.00 -6.08 -25.31
N GLY A 192 15.23 -5.61 -25.53
CA GLY A 192 15.68 -5.31 -26.88
C GLY A 192 15.23 -3.95 -27.39
N ASP A 193 15.02 -3.83 -28.69
CA ASP A 193 14.77 -2.55 -29.32
C ASP A 193 13.28 -2.19 -29.43
N VAL A 194 13.02 -0.90 -29.36
CA VAL A 194 11.70 -0.36 -29.62
C VAL A 194 11.89 0.64 -30.76
N ASP A 195 11.33 0.34 -31.92
CA ASP A 195 11.49 1.21 -33.08
C ASP A 195 10.11 1.48 -33.64
N VAL A 196 9.58 2.66 -33.34
CA VAL A 196 8.23 3.02 -33.77
C VAL A 196 8.32 4.14 -34.81
N SER A 197 9.48 4.26 -35.44
CA SER A 197 9.71 5.33 -36.42
C SER A 197 8.81 5.26 -37.66
N ARG A 198 8.22 4.10 -37.95
CA ARG A 198 7.31 3.97 -39.09
C ARG A 198 5.86 4.11 -38.66
N CYS A 199 5.66 4.18 -37.36
CA CYS A 199 4.32 4.40 -36.83
C CYS A 199 4.08 5.93 -36.85
N VAL A 200 3.82 6.47 -38.04
CA VAL A 200 3.79 7.93 -38.22
C VAL A 200 2.57 8.61 -37.58
N ASN A 201 1.54 7.85 -37.23
CA ASN A 201 0.40 8.40 -36.51
C ASN A 201 0.35 8.03 -35.03
N LEU A 202 1.44 7.49 -34.50
CA LEU A 202 1.41 7.02 -33.12
C LEU A 202 1.35 8.18 -32.13
N GLU A 203 0.32 8.19 -31.30
CA GLU A 203 0.11 9.28 -30.33
C GLU A 203 0.44 8.90 -28.89
N PHE A 204 0.46 7.60 -28.62
CA PHE A 204 0.53 7.10 -27.26
C PHE A 204 1.39 5.85 -27.27
N LEU A 205 2.50 5.89 -26.55
CA LEU A 205 3.38 4.74 -26.41
C LEU A 205 3.65 4.48 -24.93
N ASP A 206 3.33 3.26 -24.49
CA ASP A 206 3.61 2.84 -23.11
C ASP A 206 4.36 1.51 -23.10
N VAL A 207 5.65 1.56 -22.84
CA VAL A 207 6.48 0.36 -22.74
C VAL A 207 7.02 0.18 -21.33
N SER A 208 6.34 0.78 -20.35
CA SER A 208 6.82 0.76 -18.96
C SER A 208 6.78 -0.62 -18.29
N SER A 209 7.45 -0.72 -17.15
CA SER A 209 7.51 -1.96 -16.38
C SER A 209 7.81 -3.16 -17.26
N ASN A 210 8.93 -3.07 -17.96
CA ASN A 210 9.36 -4.17 -18.77
C ASN A 210 10.79 -4.52 -18.43
N ASN A 211 11.53 -4.98 -19.43
CA ASN A 211 12.88 -5.44 -19.19
C ASN A 211 13.84 -4.81 -20.21
N PHE A 212 13.61 -3.54 -20.53
CA PHE A 212 14.46 -2.80 -21.46
C PHE A 212 15.70 -2.27 -20.75
N SER A 213 16.88 -2.62 -21.25
CA SER A 213 18.14 -2.24 -20.62
C SER A 213 19.18 -1.82 -21.64
N THR A 214 18.79 -1.71 -22.90
CA THR A 214 19.74 -1.36 -23.94
C THR A 214 19.38 -0.02 -24.60
N GLY A 215 19.01 -0.04 -25.87
CA GLY A 215 18.65 1.19 -26.54
C GLY A 215 17.38 1.88 -26.03
N ILE A 216 17.41 3.21 -26.00
CA ILE A 216 16.19 3.99 -25.81
C ILE A 216 15.35 3.78 -27.09
N PRO A 217 14.01 3.81 -26.96
CA PRO A 217 13.15 3.68 -28.15
C PRO A 217 13.46 4.72 -29.23
N PHE A 218 13.51 4.27 -30.47
CA PHE A 218 13.70 5.17 -31.61
C PHE A 218 12.34 5.64 -32.13
N LEU A 219 12.14 6.93 -32.19
CA LEU A 219 10.80 7.45 -32.46
C LEU A 219 10.72 8.05 -33.87
N GLY A 220 11.87 8.16 -34.53
CA GLY A 220 11.94 8.80 -35.83
C GLY A 220 11.54 10.28 -35.80
N ASP A 221 10.63 10.66 -36.69
CA ASP A 221 10.08 12.00 -36.80
C ASP A 221 9.28 12.40 -35.57
N CYS A 222 8.62 11.43 -34.93
CA CYS A 222 7.91 11.69 -33.69
C CYS A 222 6.89 12.81 -33.94
N SER A 223 6.11 12.65 -34.99
CA SER A 223 5.28 13.73 -35.50
C SER A 223 3.90 13.75 -34.84
N ALA A 224 3.47 12.62 -34.30
CA ALA A 224 2.16 12.59 -33.64
C ALA A 224 2.24 12.29 -32.14
N LEU A 225 3.43 11.96 -31.65
CA LEU A 225 3.54 11.45 -30.30
C LEU A 225 3.22 12.50 -29.23
N GLN A 226 2.27 12.18 -28.36
CA GLN A 226 1.86 13.04 -27.27
C GLN A 226 2.15 12.47 -25.88
N HIS A 227 2.27 11.15 -25.79
CA HIS A 227 2.39 10.46 -24.53
C HIS A 227 3.47 9.37 -24.63
N LEU A 228 4.55 9.53 -23.88
CA LEU A 228 5.67 8.58 -23.92
C LEU A 228 6.02 8.13 -22.51
N ASP A 229 5.86 6.85 -22.25
CA ASP A 229 6.12 6.29 -20.93
C ASP A 229 7.08 5.11 -21.07
N ILE A 230 8.31 5.30 -20.60
CA ILE A 230 9.31 4.23 -20.62
C ILE A 230 9.75 3.89 -19.19
N SER A 231 8.94 4.29 -18.23
CA SER A 231 9.26 4.10 -16.81
C SER A 231 9.38 2.64 -16.38
N GLY A 232 9.98 2.41 -15.23
CA GLY A 232 10.12 1.06 -14.70
C GLY A 232 10.88 0.10 -15.59
N ASN A 233 12.00 0.54 -16.15
CA ASN A 233 12.88 -0.36 -16.89
C ASN A 233 14.30 -0.22 -16.32
N LYS A 234 15.32 -0.52 -17.13
CA LYS A 234 16.70 -0.35 -16.68
C LYS A 234 17.48 0.48 -17.70
N LEU A 235 16.83 1.53 -18.18
CA LEU A 235 17.41 2.35 -19.23
C LEU A 235 18.34 3.42 -18.68
N SER A 236 19.34 3.73 -19.47
CA SER A 236 20.25 4.82 -19.19
C SER A 236 20.65 5.35 -20.56
N GLY A 237 21.40 6.44 -20.61
CA GLY A 237 21.73 7.00 -21.91
C GLY A 237 20.91 8.21 -22.31
N ASP A 238 20.92 8.53 -23.61
CA ASP A 238 20.58 9.87 -24.09
C ASP A 238 19.10 10.04 -24.47
N PHE A 239 18.20 10.05 -23.48
CA PHE A 239 16.78 10.17 -23.76
C PHE A 239 16.43 11.54 -24.32
N SER A 240 17.21 12.54 -23.93
CA SER A 240 17.04 13.91 -24.37
C SER A 240 17.17 14.02 -25.90
N ARG A 241 18.17 13.35 -26.45
CA ARG A 241 18.37 13.38 -27.89
C ARG A 241 17.27 12.60 -28.62
N ALA A 242 16.78 11.55 -27.99
CA ALA A 242 15.74 10.69 -28.59
C ALA A 242 14.41 11.41 -28.81
N ILE A 243 14.13 12.45 -28.02
CA ILE A 243 12.84 13.13 -28.13
C ILE A 243 12.97 14.53 -28.73
N SER A 244 14.19 14.87 -29.16
CA SER A 244 14.47 16.15 -29.77
C SER A 244 13.47 16.55 -30.85
N THR A 245 12.99 15.60 -31.64
CA THR A 245 12.11 15.95 -32.75
C THR A 245 10.65 15.94 -32.35
N CYS A 246 10.36 15.52 -31.12
CA CYS A 246 8.96 15.35 -30.72
C CYS A 246 8.26 16.68 -30.48
N THR A 247 7.53 17.15 -31.48
CA THR A 247 6.91 18.48 -31.43
C THR A 247 5.50 18.53 -30.79
N GLU A 248 4.88 17.38 -30.55
CA GLU A 248 3.56 17.34 -29.93
C GLU A 248 3.55 16.69 -28.54
N LEU A 249 4.73 16.37 -28.01
CA LEU A 249 4.80 15.63 -26.75
C LEU A 249 4.20 16.38 -25.56
N LYS A 250 3.30 15.73 -24.84
CA LYS A 250 2.66 16.33 -23.67
C LYS A 250 3.01 15.66 -22.34
N LEU A 251 3.31 14.37 -22.41
CA LEU A 251 3.66 13.62 -21.22
C LEU A 251 4.92 12.80 -21.48
N LEU A 252 5.90 12.94 -20.60
CA LEU A 252 7.14 12.16 -20.67
C LEU A 252 7.41 11.55 -19.29
N ASN A 253 7.34 10.23 -19.21
CA ASN A 253 7.63 9.52 -17.97
C ASN A 253 8.83 8.61 -18.15
N ILE A 254 9.96 8.98 -17.54
CA ILE A 254 11.14 8.12 -17.59
C ILE A 254 11.54 7.63 -16.21
N SER A 255 10.64 7.80 -15.25
CA SER A 255 10.93 7.46 -13.85
C SER A 255 11.29 5.97 -13.66
N SER A 256 11.88 5.64 -12.51
CA SER A 256 12.35 4.28 -12.20
C SER A 256 13.17 3.62 -13.31
N ASN A 257 14.28 4.25 -13.65
CA ASN A 257 15.23 3.72 -14.60
C ASN A 257 16.65 3.91 -14.07
N GLN A 258 17.64 3.99 -14.94
CA GLN A 258 19.03 4.14 -14.50
C GLN A 258 19.73 5.34 -15.12
N PHE A 259 18.99 6.39 -15.43
CA PHE A 259 19.60 7.56 -16.03
C PHE A 259 20.51 8.27 -15.02
N VAL A 260 21.58 8.88 -15.52
CA VAL A 260 22.59 9.52 -14.69
C VAL A 260 22.93 10.91 -15.22
N GLY A 261 23.81 11.61 -14.52
CA GLY A 261 24.22 12.93 -14.94
C GLY A 261 23.20 14.00 -14.58
N PRO A 262 23.43 15.23 -15.03
CA PRO A 262 22.55 16.36 -14.76
C PRO A 262 21.31 16.27 -15.63
N ILE A 263 20.30 17.06 -15.30
CA ILE A 263 19.11 17.12 -16.11
C ILE A 263 19.47 17.76 -17.44
N PRO A 264 19.26 17.04 -18.54
CA PRO A 264 19.54 17.60 -19.86
C PRO A 264 18.43 18.57 -20.27
N PRO A 265 18.73 19.49 -21.19
CA PRO A 265 17.70 20.45 -21.61
C PRO A 265 16.49 19.73 -22.21
N LEU A 266 15.30 20.16 -21.80
CA LEU A 266 14.05 19.59 -22.27
C LEU A 266 13.09 20.73 -22.59
N PRO A 267 13.50 21.68 -23.44
CA PRO A 267 12.63 22.82 -23.74
C PRO A 267 11.57 22.49 -24.81
N LEU A 268 10.98 21.31 -24.74
CA LEU A 268 9.87 20.94 -25.62
C LEU A 268 8.62 21.69 -25.15
N LYS A 269 8.23 22.72 -25.90
CA LYS A 269 7.32 23.72 -25.34
C LYS A 269 5.95 23.15 -25.04
N SER A 270 5.59 22.09 -25.75
CA SER A 270 4.29 21.44 -25.58
C SER A 270 4.20 20.59 -24.30
N LEU A 271 5.33 20.32 -23.68
CA LEU A 271 5.36 19.41 -22.54
C LEU A 271 4.53 19.88 -21.32
N GLN A 272 3.64 19.01 -20.85
CA GLN A 272 2.72 19.33 -19.75
C GLN A 272 3.02 18.48 -18.50
N TYR A 273 3.38 17.22 -18.71
CA TYR A 273 3.77 16.37 -17.61
C TYR A 273 5.17 15.78 -17.80
N LEU A 274 5.98 15.87 -16.75
CA LEU A 274 7.34 15.38 -16.81
C LEU A 274 7.73 14.67 -15.52
N SER A 275 8.14 13.41 -15.63
CA SER A 275 8.71 12.74 -14.47
C SER A 275 10.09 12.15 -14.76
N LEU A 276 11.07 12.59 -13.97
CA LEU A 276 12.42 12.01 -13.99
C LEU A 276 12.70 11.24 -12.69
N ALA A 277 11.64 10.87 -11.98
CA ALA A 277 11.76 10.34 -10.62
C ALA A 277 12.46 8.97 -10.53
N GLU A 278 13.12 8.72 -9.39
CA GLU A 278 13.80 7.44 -9.12
C GLU A 278 14.79 7.05 -10.21
N ASN A 279 15.72 7.96 -10.50
CA ASN A 279 16.84 7.64 -11.36
C ASN A 279 18.11 7.96 -10.59
N LYS A 280 19.18 8.33 -11.26
CA LYS A 280 20.40 8.69 -10.55
C LYS A 280 20.92 10.00 -11.11
N PHE A 281 20.00 10.92 -11.37
CA PHE A 281 20.41 12.24 -11.80
C PHE A 281 21.12 12.93 -10.63
N THR A 282 22.05 13.82 -10.96
CA THR A 282 22.86 14.51 -9.97
C THR A 282 22.87 16.00 -10.25
N GLY A 283 23.37 16.78 -9.29
CA GLY A 283 23.64 18.19 -9.51
C GLY A 283 22.58 19.14 -8.98
N GLU A 284 22.87 20.43 -9.09
CA GLU A 284 21.88 21.49 -8.90
C GLU A 284 21.00 21.51 -10.15
N ILE A 285 19.76 21.95 -10.02
CA ILE A 285 18.87 22.02 -11.18
C ILE A 285 19.35 23.11 -12.15
N PRO A 286 19.75 22.72 -13.38
CA PRO A 286 20.03 23.73 -14.40
C PRO A 286 18.73 24.16 -15.06
N ASP A 287 18.71 25.30 -15.75
CA ASP A 287 17.49 25.73 -16.43
C ASP A 287 17.25 24.88 -17.68
N PHE A 288 16.53 23.77 -17.51
CA PHE A 288 16.40 22.77 -18.57
C PHE A 288 15.10 22.89 -19.39
N LEU A 289 14.32 23.93 -19.12
CA LEU A 289 13.01 24.11 -19.75
C LEU A 289 13.03 25.37 -20.60
N SER A 290 11.96 25.60 -21.37
CA SER A 290 11.85 26.83 -22.14
C SER A 290 11.77 28.04 -21.21
N GLY A 291 11.90 29.23 -21.77
CA GLY A 291 11.75 30.45 -21.00
C GLY A 291 10.45 30.47 -20.22
N ALA A 292 9.45 29.77 -20.74
CA ALA A 292 8.11 29.78 -20.16
C ALA A 292 7.75 28.47 -19.44
N CYS A 293 8.76 27.65 -19.18
CA CYS A 293 8.53 26.40 -18.46
C CYS A 293 7.65 25.46 -19.31
N ASP A 294 7.97 25.37 -20.59
CA ASP A 294 7.24 24.51 -21.52
C ASP A 294 5.76 24.78 -21.30
N THR A 295 5.00 23.74 -20.96
CA THR A 295 3.60 23.95 -20.58
C THR A 295 3.31 23.16 -19.30
N LEU A 296 4.26 23.10 -18.38
CA LEU A 296 4.18 22.16 -17.25
C LEU A 296 3.00 22.34 -16.29
N THR A 297 2.22 21.28 -16.14
CA THR A 297 1.21 21.19 -15.12
C THR A 297 1.71 20.26 -14.01
N GLY A 298 2.62 19.36 -14.37
CA GLY A 298 3.09 18.33 -13.43
C GLY A 298 4.59 18.11 -13.55
N LEU A 299 5.30 18.18 -12.43
CA LEU A 299 6.74 17.94 -12.44
C LEU A 299 7.18 17.07 -11.27
N ASP A 300 7.96 16.05 -11.58
CA ASP A 300 8.42 15.12 -10.56
C ASP A 300 9.91 14.82 -10.70
N LEU A 301 10.70 15.23 -9.70
CA LEU A 301 12.15 15.04 -9.72
C LEU A 301 12.60 14.22 -8.52
N SER A 302 11.63 13.55 -7.88
CA SER A 302 11.83 12.77 -6.65
C SER A 302 12.81 11.61 -6.82
N GLY A 303 13.51 11.30 -5.73
CA GLY A 303 14.37 10.13 -5.66
C GLY A 303 15.59 10.16 -6.57
N ASN A 304 16.25 11.31 -6.64
CA ASN A 304 17.53 11.41 -7.34
C ASN A 304 18.60 11.91 -6.36
N HIS A 305 19.62 12.58 -6.87
CA HIS A 305 20.65 13.13 -5.99
C HIS A 305 20.80 14.63 -6.14
N PHE A 306 19.70 15.32 -6.39
CA PHE A 306 19.76 16.76 -6.58
C PHE A 306 20.07 17.46 -5.26
N TYR A 307 20.70 18.62 -5.36
CA TYR A 307 21.02 19.40 -4.17
C TYR A 307 21.03 20.88 -4.51
N GLY A 308 21.23 21.72 -3.51
CA GLY A 308 21.22 23.15 -3.71
C GLY A 308 19.82 23.71 -3.55
N ALA A 309 19.66 24.97 -3.93
CA ALA A 309 18.38 25.65 -3.76
C ALA A 309 17.46 25.37 -4.95
N VAL A 310 16.16 25.54 -4.74
CA VAL A 310 15.22 25.46 -5.84
C VAL A 310 15.36 26.73 -6.66
N PRO A 311 15.77 26.59 -7.94
CA PRO A 311 16.08 27.75 -8.80
C PRO A 311 14.87 28.64 -9.07
N PRO A 312 15.08 29.95 -9.12
CA PRO A 312 14.01 30.93 -9.39
C PRO A 312 13.42 30.81 -10.80
N PHE A 313 14.11 30.14 -11.72
CA PHE A 313 13.54 29.97 -13.06
C PHE A 313 12.27 29.13 -13.01
N PHE A 314 12.09 28.37 -11.93
CA PHE A 314 10.82 27.64 -11.75
C PHE A 314 9.65 28.59 -11.55
N GLY A 315 9.97 29.86 -11.28
CA GLY A 315 8.96 30.89 -11.20
C GLY A 315 8.18 31.07 -12.50
N SER A 316 8.67 30.49 -13.59
CA SER A 316 7.97 30.59 -14.88
C SER A 316 6.85 29.56 -15.01
N CYS A 317 6.86 28.56 -14.14
CA CYS A 317 5.88 27.48 -14.19
C CYS A 317 4.53 27.85 -13.59
N SER A 318 3.85 28.84 -14.17
CA SER A 318 2.64 29.35 -13.56
C SER A 318 1.43 28.42 -13.70
N LEU A 319 1.58 27.36 -14.49
CA LEU A 319 0.50 26.40 -14.66
C LEU A 319 0.69 25.15 -13.81
N LEU A 320 1.82 25.08 -13.11
CA LEU A 320 2.19 23.90 -12.34
C LEU A 320 1.11 23.58 -11.29
N GLU A 321 0.65 22.34 -11.28
CA GLU A 321 -0.36 21.92 -10.32
C GLU A 321 0.21 20.93 -9.35
N SER A 322 1.30 20.27 -9.76
CA SER A 322 1.96 19.28 -8.93
C SER A 322 3.47 19.43 -9.00
N LEU A 323 4.08 19.69 -7.86
CA LEU A 323 5.53 19.82 -7.77
C LEU A 323 6.06 18.79 -6.78
N ALA A 324 6.81 17.81 -7.28
CA ALA A 324 7.38 16.79 -6.42
C ALA A 324 8.90 16.80 -6.52
N LEU A 325 9.56 17.07 -5.39
CA LEU A 325 11.02 17.15 -5.33
C LEU A 325 11.56 16.30 -4.19
N SER A 326 10.77 15.34 -3.74
CA SER A 326 11.10 14.67 -2.49
C SER A 326 12.26 13.70 -2.66
N SER A 327 12.94 13.45 -1.53
CA SER A 327 14.04 12.49 -1.46
C SER A 327 15.19 12.90 -2.35
N ASN A 328 15.60 14.14 -2.19
CA ASN A 328 16.83 14.59 -2.80
C ASN A 328 17.66 15.21 -1.69
N ASN A 329 18.42 16.25 -2.00
CA ASN A 329 19.16 16.94 -0.96
C ASN A 329 19.03 18.42 -1.15
N PHE A 330 17.83 18.87 -1.52
CA PHE A 330 17.58 20.29 -1.65
C PHE A 330 17.74 20.95 -0.29
N SER A 331 18.23 22.18 -0.30
CA SER A 331 18.49 22.93 0.91
C SER A 331 17.97 24.35 0.77
N GLY A 332 18.11 25.13 1.84
CA GLY A 332 17.65 26.51 1.84
C GLY A 332 16.28 26.67 2.46
N GLU A 333 15.84 27.92 2.55
CA GLU A 333 14.51 28.24 3.05
C GLU A 333 13.45 28.05 1.95
N LEU A 334 12.22 27.86 2.40
CA LEU A 334 11.08 27.70 1.49
C LEU A 334 11.11 28.82 0.45
N PRO A 335 11.06 28.44 -0.85
CA PRO A 335 11.16 29.41 -1.95
C PRO A 335 9.82 30.04 -2.32
N MET A 336 9.30 30.90 -1.46
CA MET A 336 7.98 31.48 -1.64
C MET A 336 7.82 32.31 -2.91
N ASP A 337 8.81 33.13 -3.21
CA ASP A 337 8.72 33.98 -4.41
C ASP A 337 8.47 33.13 -5.64
N THR A 338 9.14 31.98 -5.71
CA THR A 338 8.93 31.03 -6.79
C THR A 338 7.60 30.31 -6.65
N LEU A 339 7.30 29.82 -5.44
CA LEU A 339 6.11 29.02 -5.22
C LEU A 339 4.83 29.83 -5.35
N LEU A 340 4.87 31.09 -4.93
CA LEU A 340 3.70 31.96 -5.03
C LEU A 340 3.31 32.29 -6.49
N LYS A 341 4.23 32.10 -7.43
CA LYS A 341 3.92 32.31 -8.85
C LYS A 341 3.15 31.14 -9.44
N MET A 342 3.12 30.03 -8.70
CA MET A 342 2.37 28.87 -9.14
C MET A 342 0.97 28.93 -8.59
N ARG A 343 0.18 29.85 -9.15
CA ARG A 343 -1.12 30.22 -8.60
C ARG A 343 -2.10 29.07 -8.46
N GLY A 344 -1.93 28.03 -9.27
CA GLY A 344 -2.85 26.90 -9.18
C GLY A 344 -2.27 25.64 -8.56
N LEU A 345 -1.20 25.77 -7.78
CA LEU A 345 -0.53 24.59 -7.21
C LEU A 345 -1.47 23.78 -6.31
N LYS A 346 -1.55 22.48 -6.57
CA LYS A 346 -2.40 21.60 -5.76
C LYS A 346 -1.57 20.67 -4.84
N VAL A 347 -0.42 20.22 -5.33
CA VAL A 347 0.42 19.31 -4.59
C VAL A 347 1.81 19.90 -4.47
N LEU A 348 2.25 20.10 -3.22
CA LEU A 348 3.61 20.52 -2.95
C LEU A 348 4.26 19.44 -2.09
N ASP A 349 5.20 18.69 -2.69
CA ASP A 349 5.88 17.61 -1.98
C ASP A 349 7.38 17.85 -1.93
N LEU A 350 7.86 18.25 -0.75
CA LEU A 350 9.27 18.59 -0.58
C LEU A 350 9.92 17.70 0.48
N SER A 351 9.26 16.58 0.77
CA SER A 351 9.70 15.67 1.84
C SER A 351 11.07 15.03 1.59
N PHE A 352 11.73 14.64 2.70
CA PHE A 352 13.06 14.01 2.66
C PHE A 352 14.11 14.89 1.93
N ASN A 353 14.29 16.11 2.42
CA ASN A 353 15.29 17.01 1.89
C ASN A 353 15.97 17.72 3.05
N GLU A 354 16.63 18.85 2.81
CA GLU A 354 17.20 19.58 3.92
C GLU A 354 16.81 21.05 3.92
N PHE A 355 15.53 21.29 3.63
CA PHE A 355 14.99 22.64 3.73
C PHE A 355 14.98 23.04 5.19
N SER A 356 15.16 24.33 5.46
CA SER A 356 15.29 24.80 6.83
C SER A 356 14.69 26.18 7.00
N GLY A 357 14.84 26.73 8.20
CA GLY A 357 14.27 28.01 8.54
C GLY A 357 12.82 27.84 8.95
N GLU A 358 12.15 28.96 9.18
CA GLU A 358 10.77 28.92 9.64
C GLU A 358 9.79 29.00 8.49
N LEU A 359 8.53 28.69 8.76
CA LEU A 359 7.49 28.80 7.77
C LEU A 359 7.13 30.28 7.59
N PRO A 360 7.27 30.79 6.37
CA PRO A 360 6.93 32.18 6.09
C PRO A 360 5.42 32.37 6.07
N GLU A 361 4.96 33.54 6.50
CA GLU A 361 3.54 33.85 6.52
C GLU A 361 2.89 33.75 5.14
N SER A 362 3.65 34.07 4.09
CA SER A 362 3.13 33.98 2.73
C SER A 362 2.73 32.57 2.32
N LEU A 363 3.19 31.59 3.08
CA LEU A 363 2.80 30.21 2.83
C LEU A 363 1.28 30.08 2.87
N THR A 364 0.64 31.01 3.58
CA THR A 364 -0.82 31.04 3.66
C THR A 364 -1.50 31.46 2.36
N ASN A 365 -0.82 32.26 1.55
CA ASN A 365 -1.37 32.62 0.25
C ASN A 365 -1.44 31.40 -0.65
N LEU A 366 -0.44 30.54 -0.52
CA LEU A 366 -0.34 29.35 -1.35
C LEU A 366 -1.48 28.38 -1.07
N SER A 367 -1.74 28.15 0.22
CA SER A 367 -2.78 27.20 0.63
C SER A 367 -4.19 27.69 0.31
N ALA A 368 -4.42 28.00 -0.96
CA ALA A 368 -5.73 28.40 -1.44
C ALA A 368 -6.19 27.40 -2.50
N SER A 369 -5.23 26.88 -3.26
CA SER A 369 -5.50 25.80 -4.21
C SER A 369 -4.97 24.47 -3.66
N LEU A 370 -4.08 24.57 -2.67
CA LEU A 370 -3.34 23.43 -2.15
C LEU A 370 -4.24 22.31 -1.62
N LEU A 371 -4.09 21.10 -2.17
CA LEU A 371 -4.72 19.91 -1.60
C LEU A 371 -3.74 19.24 -0.64
N THR A 372 -2.46 19.25 -1.00
CA THR A 372 -1.42 18.52 -0.27
C THR A 372 -0.22 19.38 0.03
N LEU A 373 0.08 19.53 1.31
CA LEU A 373 1.29 20.22 1.71
C LEU A 373 2.16 19.21 2.45
N ASP A 374 3.24 18.78 1.80
CA ASP A 374 4.11 17.75 2.40
C ASP A 374 5.52 18.29 2.59
N LEU A 375 5.86 18.60 3.83
CA LEU A 375 7.17 19.14 4.17
C LEU A 375 7.95 18.19 5.08
N SER A 376 7.52 16.93 5.17
CA SER A 376 8.08 16.02 6.15
C SER A 376 9.56 15.73 5.91
N SER A 377 10.23 15.32 6.99
CA SER A 377 11.64 14.97 6.97
C SER A 377 12.52 16.03 6.37
N ASN A 378 12.45 17.22 6.95
CA ASN A 378 13.36 18.30 6.62
C ASN A 378 13.91 18.87 7.91
N ASN A 379 14.41 20.11 7.86
CA ASN A 379 14.94 20.77 9.05
C ASN A 379 14.24 22.10 9.30
N PHE A 380 12.91 22.12 9.16
CA PHE A 380 12.16 23.33 9.49
C PHE A 380 12.12 23.47 11.01
N SER A 381 11.96 24.71 11.47
CA SER A 381 11.93 24.99 12.90
C SER A 381 10.90 26.10 13.14
N GLY A 382 10.81 26.57 14.37
CA GLY A 382 9.86 27.63 14.71
C GLY A 382 8.49 27.01 14.79
N PRO A 383 7.46 27.86 14.90
CA PRO A 383 6.09 27.38 15.11
C PRO A 383 5.34 27.03 13.81
N ILE A 384 4.36 26.14 13.93
CA ILE A 384 3.41 25.91 12.85
C ILE A 384 2.53 27.15 12.66
N LEU A 385 2.39 27.64 11.44
CA LEU A 385 1.61 28.84 11.18
C LEU A 385 0.18 28.74 11.69
N PRO A 386 -0.25 29.73 12.48
CA PRO A 386 -1.60 29.83 13.03
C PRO A 386 -2.69 29.99 11.97
N ASN A 387 -2.41 30.75 10.91
CA ASN A 387 -3.46 31.12 9.96
C ASN A 387 -3.39 30.35 8.65
N LEU A 388 -2.95 29.11 8.73
CA LEU A 388 -2.75 28.29 7.55
C LEU A 388 -4.02 28.16 6.70
N CYS A 389 -5.18 28.14 7.35
CA CYS A 389 -6.45 27.96 6.66
C CYS A 389 -7.44 29.13 6.88
N GLN A 390 -6.89 30.34 7.01
CA GLN A 390 -7.70 31.56 7.14
C GLN A 390 -8.81 31.63 6.10
N ASN A 391 -8.43 31.46 4.82
CA ASN A 391 -9.36 31.52 3.71
C ASN A 391 -10.47 30.48 3.83
N PRO A 392 -11.73 30.94 3.73
CA PRO A 392 -12.92 30.08 3.87
C PRO A 392 -13.05 29.08 2.72
N LYS A 393 -12.41 29.38 1.60
CA LYS A 393 -12.46 28.51 0.43
C LYS A 393 -11.26 27.56 0.37
N ASN A 394 -10.59 27.35 1.50
CA ASN A 394 -9.40 26.50 1.53
C ASN A 394 -9.77 25.04 1.32
N THR A 395 -8.93 24.34 0.57
CA THR A 395 -9.23 23.00 0.13
C THR A 395 -8.28 21.97 0.71
N LEU A 396 -7.37 22.41 1.57
CA LEU A 396 -6.30 21.55 2.07
C LEU A 396 -6.80 20.20 2.66
N GLN A 397 -6.24 19.10 2.16
CA GLN A 397 -6.64 17.77 2.59
C GLN A 397 -5.56 17.01 3.35
N GLU A 398 -4.30 17.30 3.03
CA GLU A 398 -3.20 16.61 3.71
C GLU A 398 -2.16 17.60 4.17
N LEU A 399 -1.86 17.55 5.47
CA LEU A 399 -0.84 18.39 6.06
C LEU A 399 0.20 17.48 6.68
N TYR A 400 1.37 17.44 6.07
CA TYR A 400 2.43 16.52 6.47
C TYR A 400 3.65 17.32 6.92
N LEU A 401 3.78 17.52 8.24
CA LEU A 401 4.88 18.33 8.77
C LEU A 401 5.78 17.48 9.66
N GLN A 402 5.58 16.17 9.61
CA GLN A 402 6.25 15.29 10.56
C GLN A 402 7.76 15.27 10.32
N ASN A 403 8.50 15.02 11.40
CA ASN A 403 9.95 14.88 11.34
C ASN A 403 10.68 16.15 10.91
N ASN A 404 10.49 17.19 11.70
CA ASN A 404 11.19 18.44 11.52
C ASN A 404 11.56 18.90 12.91
N GLY A 405 11.67 20.21 13.10
CA GLY A 405 12.01 20.76 14.41
C GLY A 405 11.02 21.83 14.85
N PHE A 406 9.74 21.61 14.59
CA PHE A 406 8.71 22.58 14.96
C PHE A 406 8.50 22.60 16.49
N THR A 407 8.34 23.81 17.02
CA THR A 407 8.15 24.05 18.44
C THR A 407 6.82 24.79 18.63
N GLY A 408 6.42 24.99 19.88
CA GLY A 408 5.17 25.66 20.17
C GLY A 408 4.00 24.71 20.14
N LYS A 409 2.81 25.25 19.89
CA LYS A 409 1.58 24.48 20.04
C LYS A 409 0.97 24.07 18.71
N ILE A 410 0.09 23.08 18.76
CA ILE A 410 -0.76 22.77 17.63
C ILE A 410 -1.78 23.90 17.52
N PRO A 411 -1.74 24.66 16.43
CA PRO A 411 -2.69 25.79 16.30
C PRO A 411 -4.09 25.23 16.27
N PRO A 412 -4.96 25.67 17.19
CA PRO A 412 -6.35 25.18 17.14
C PRO A 412 -7.09 25.68 15.88
N THR A 413 -6.57 26.73 15.23
CA THR A 413 -7.16 27.18 13.96
C THR A 413 -6.95 26.19 12.82
N LEU A 414 -6.29 25.06 13.07
CA LEU A 414 -6.20 24.01 12.06
C LEU A 414 -7.59 23.46 11.79
N SER A 415 -8.50 23.70 12.73
CA SER A 415 -9.89 23.30 12.59
C SER A 415 -10.59 24.04 11.44
N ASN A 416 -10.01 25.17 11.04
CA ASN A 416 -10.47 25.89 9.84
C ASN A 416 -10.14 25.16 8.53
N CYS A 417 -9.22 24.20 8.60
CA CYS A 417 -8.91 23.37 7.44
C CYS A 417 -9.96 22.29 7.31
N SER A 418 -11.19 22.70 6.99
CA SER A 418 -12.35 21.82 7.12
C SER A 418 -12.32 20.57 6.23
N GLU A 419 -11.50 20.59 5.17
CA GLU A 419 -11.43 19.45 4.25
C GLU A 419 -10.32 18.46 4.63
N LEU A 420 -9.63 18.75 5.72
CA LEU A 420 -8.46 17.98 6.12
C LEU A 420 -8.79 16.49 6.30
N VAL A 421 -7.96 15.65 5.70
CA VAL A 421 -8.16 14.21 5.74
C VAL A 421 -7.05 13.50 6.55
N SER A 422 -5.83 14.01 6.46
CA SER A 422 -4.68 13.47 7.20
C SER A 422 -3.87 14.60 7.80
N LEU A 423 -3.62 14.50 9.09
CA LEU A 423 -2.80 15.47 9.81
C LEU A 423 -1.65 14.71 10.47
N HIS A 424 -0.43 15.05 10.10
CA HIS A 424 0.75 14.35 10.59
C HIS A 424 1.73 15.39 11.11
N LEU A 425 1.87 15.47 12.43
CA LEU A 425 2.80 16.43 13.02
C LEU A 425 3.82 15.71 13.92
N SER A 426 3.89 14.39 13.75
CA SER A 426 4.80 13.56 14.55
C SER A 426 6.27 13.98 14.41
N PHE A 427 7.11 13.56 15.34
CA PHE A 427 8.55 13.82 15.26
C PHE A 427 8.86 15.33 15.16
N ASN A 428 8.36 16.09 16.12
CA ASN A 428 8.67 17.50 16.26
C ASN A 428 8.86 17.79 17.74
N TYR A 429 8.74 19.05 18.16
CA TYR A 429 8.93 19.36 19.57
C TYR A 429 7.74 20.15 20.11
N LEU A 430 6.55 19.71 19.72
CA LEU A 430 5.33 20.43 20.04
C LEU A 430 4.92 20.18 21.49
N SER A 431 4.44 21.24 22.14
CA SER A 431 3.95 21.14 23.51
C SER A 431 2.51 21.64 23.51
N GLY A 432 1.97 21.84 24.71
CA GLY A 432 0.57 22.18 24.81
C GLY A 432 -0.25 20.95 24.61
N THR A 433 -1.54 21.12 24.36
CA THR A 433 -2.46 20.00 24.26
C THR A 433 -2.91 19.76 22.82
N ILE A 434 -3.61 18.64 22.65
CA ILE A 434 -4.28 18.32 21.40
C ILE A 434 -5.57 19.11 21.33
N PRO A 435 -5.64 20.09 20.44
CA PRO A 435 -6.79 21.01 20.53
C PRO A 435 -8.10 20.25 20.37
N SER A 436 -9.11 20.63 21.15
CA SER A 436 -10.42 20.02 21.07
C SER A 436 -11.14 20.42 19.77
N SER A 437 -10.72 21.52 19.17
CA SER A 437 -11.32 21.99 17.93
C SER A 437 -11.06 21.00 16.77
N LEU A 438 -10.07 20.13 16.93
CA LEU A 438 -9.79 19.11 15.92
C LEU A 438 -10.99 18.21 15.73
N GLY A 439 -11.85 18.17 16.74
CA GLY A 439 -13.06 17.39 16.68
C GLY A 439 -14.04 17.91 15.65
N SER A 440 -13.79 19.10 15.14
CA SER A 440 -14.67 19.65 14.12
C SER A 440 -14.11 19.40 12.72
N LEU A 441 -13.11 18.52 12.60
CA LEU A 441 -12.59 18.11 11.30
C LEU A 441 -13.39 16.88 10.85
N SER A 442 -14.51 17.14 10.20
CA SER A 442 -15.52 16.13 9.92
C SER A 442 -15.09 15.12 8.87
N LYS A 443 -13.96 15.38 8.21
CA LYS A 443 -13.46 14.44 7.22
C LYS A 443 -12.12 13.82 7.62
N LEU A 444 -11.67 14.11 8.82
CA LEU A 444 -10.36 13.63 9.23
C LEU A 444 -10.33 12.09 9.35
N ARG A 445 -9.37 11.46 8.70
CA ARG A 445 -9.16 10.03 8.84
C ARG A 445 -7.90 9.65 9.64
N ASP A 446 -6.85 10.44 9.50
CA ASP A 446 -5.60 10.16 10.24
C ASP A 446 -5.16 11.34 11.08
N LEU A 447 -4.99 11.05 12.36
CA LEU A 447 -4.43 12.01 13.30
C LEU A 447 -3.18 11.39 13.87
N LYS A 448 -2.04 11.88 13.42
CA LYS A 448 -0.75 11.36 13.88
C LYS A 448 0.09 12.47 14.49
N LEU A 449 0.40 12.33 15.78
CA LEU A 449 1.10 13.35 16.56
C LEU A 449 2.20 12.75 17.42
N TRP A 450 2.68 11.58 17.05
CA TRP A 450 3.54 10.84 17.96
C TRP A 450 4.97 11.40 18.03
N LEU A 451 5.62 11.19 19.17
CA LEU A 451 6.93 11.78 19.47
C LEU A 451 6.94 13.32 19.44
N ASN A 452 6.24 13.89 20.41
CA ASN A 452 6.30 15.31 20.70
C ASN A 452 6.34 15.45 22.22
N MET A 453 6.00 16.62 22.74
CA MET A 453 5.89 16.75 24.19
C MET A 453 4.47 17.12 24.57
N LEU A 454 3.47 16.52 23.92
CA LEU A 454 2.09 16.92 24.20
C LEU A 454 1.63 16.48 25.59
N GLU A 455 0.84 17.33 26.24
CA GLU A 455 0.35 17.09 27.58
C GLU A 455 -1.17 17.16 27.59
N GLY A 456 -1.76 17.00 28.76
CA GLY A 456 -3.21 17.05 28.86
C GLY A 456 -3.84 15.75 28.44
N GLU A 457 -5.16 15.78 28.25
CA GLU A 457 -5.92 14.57 27.97
C GLU A 457 -6.25 14.43 26.51
N ILE A 458 -6.55 13.20 26.11
CA ILE A 458 -7.05 12.96 24.78
C ILE A 458 -8.48 13.52 24.71
N PRO A 459 -8.71 14.50 23.83
CA PRO A 459 -9.96 15.27 23.79
C PRO A 459 -11.21 14.43 23.53
N GLN A 460 -12.19 14.55 24.41
CA GLN A 460 -13.51 13.96 24.23
C GLN A 460 -14.13 14.34 22.87
N GLU A 461 -13.81 15.54 22.39
CA GLU A 461 -14.40 16.08 21.18
C GLU A 461 -14.07 15.27 19.91
N LEU A 462 -13.10 14.35 20.01
CA LEU A 462 -12.78 13.48 18.89
C LEU A 462 -14.00 12.62 18.54
N MET A 463 -14.90 12.42 19.50
CA MET A 463 -16.16 11.74 19.24
C MET A 463 -16.90 12.29 18.01
N TYR A 464 -16.68 13.57 17.68
CA TYR A 464 -17.35 14.16 16.53
C TYR A 464 -16.77 13.74 15.19
N VAL A 465 -15.55 13.20 15.20
CA VAL A 465 -14.89 12.79 13.96
C VAL A 465 -15.27 11.37 13.61
N LYS A 466 -16.41 11.21 12.97
CA LYS A 466 -16.91 9.88 12.67
C LYS A 466 -16.03 9.14 11.65
N THR A 467 -15.22 9.90 10.91
CA THR A 467 -14.37 9.35 9.87
C THR A 467 -13.02 8.85 10.39
N LEU A 468 -12.73 9.09 11.66
CA LEU A 468 -11.41 8.83 12.21
C LEU A 468 -11.01 7.33 12.12
N GLU A 469 -9.87 7.06 11.51
CA GLU A 469 -9.39 5.70 11.30
C GLU A 469 -8.07 5.45 12.02
N THR A 470 -7.22 6.46 12.05
CA THR A 470 -5.91 6.31 12.69
C THR A 470 -5.75 7.36 13.77
N LEU A 471 -5.41 6.92 14.99
CA LEU A 471 -5.12 7.84 16.09
C LEU A 471 -3.78 7.44 16.71
N ILE A 472 -2.73 8.16 16.35
CA ILE A 472 -1.37 7.78 16.73
C ILE A 472 -0.75 8.85 17.60
N LEU A 473 -0.60 8.53 18.89
CA LEU A 473 -0.21 9.52 19.88
C LEU A 473 0.94 9.05 20.78
N ASP A 474 1.64 7.99 20.37
CA ASP A 474 2.75 7.43 21.15
C ASP A 474 3.81 8.48 21.50
N PHE A 475 4.51 8.26 22.61
CA PHE A 475 5.66 9.08 22.98
C PHE A 475 5.32 10.55 23.13
N ASN A 476 4.30 10.82 23.92
CA ASN A 476 4.06 12.17 24.41
C ASN A 476 4.01 12.17 25.94
N ASP A 477 3.37 13.16 26.54
CA ASP A 477 3.24 13.18 28.00
C ASP A 477 1.76 13.25 28.38
N LEU A 478 0.92 12.51 27.65
CA LEU A 478 -0.53 12.56 27.84
C LEU A 478 -0.94 11.90 29.15
N THR A 479 -1.94 12.49 29.81
CA THR A 479 -2.44 11.98 31.08
C THR A 479 -3.95 11.79 30.99
N GLY A 480 -4.53 11.28 32.08
CA GLY A 480 -5.94 10.98 32.09
C GLY A 480 -6.26 9.62 31.49
N GLU A 481 -7.53 9.37 31.25
CA GLU A 481 -8.00 8.08 30.83
C GLU A 481 -8.36 8.12 29.36
N ILE A 482 -8.61 6.96 28.79
CA ILE A 482 -9.15 6.88 27.43
C ILE A 482 -10.57 7.42 27.46
N PRO A 483 -10.83 8.49 26.71
CA PRO A 483 -12.16 9.12 26.77
C PRO A 483 -13.23 8.29 26.06
N SER A 484 -14.42 8.29 26.62
CA SER A 484 -15.49 7.43 26.17
C SER A 484 -15.98 7.87 24.79
N GLY A 485 -15.71 9.13 24.45
CA GLY A 485 -16.06 9.68 23.16
C GLY A 485 -15.45 8.91 22.00
N LEU A 486 -14.33 8.24 22.25
CA LEU A 486 -13.69 7.47 21.19
C LEU A 486 -14.60 6.34 20.72
N SER A 487 -15.54 5.92 21.58
CA SER A 487 -16.46 4.85 21.20
C SER A 487 -17.36 5.25 20.02
N ASN A 488 -17.47 6.55 19.77
CA ASN A 488 -18.24 7.01 18.64
C ASN A 488 -17.43 6.96 17.33
N CYS A 489 -16.12 6.81 17.45
CA CYS A 489 -15.27 6.72 16.28
C CYS A 489 -15.23 5.28 15.80
N THR A 490 -16.34 4.81 15.22
CA THR A 490 -16.50 3.38 14.95
C THR A 490 -15.66 2.84 13.79
N ASN A 491 -14.99 3.73 13.04
CA ASN A 491 -14.10 3.28 11.98
C ASN A 491 -12.62 3.21 12.38
N LEU A 492 -12.32 3.41 13.67
CA LEU A 492 -10.94 3.32 14.12
C LEU A 492 -10.33 1.96 13.77
N ASN A 493 -9.11 2.02 13.22
CA ASN A 493 -8.40 0.87 12.70
C ASN A 493 -7.09 0.70 13.45
N TRP A 494 -6.48 1.82 13.82
CA TRP A 494 -5.16 1.83 14.43
C TRP A 494 -5.11 2.84 15.59
N ILE A 495 -5.04 2.34 16.82
CA ILE A 495 -4.98 3.17 18.01
C ILE A 495 -3.66 2.94 18.72
N SER A 496 -2.84 3.99 18.83
CA SER A 496 -1.53 3.79 19.44
C SER A 496 -1.24 4.89 20.43
N LEU A 497 -1.28 4.54 21.72
CA LEU A 497 -1.20 5.53 22.80
C LEU A 497 -0.01 5.22 23.72
N SER A 498 0.95 4.44 23.20
CA SER A 498 2.00 3.91 24.04
C SER A 498 2.92 5.03 24.50
N ASN A 499 3.62 4.80 25.61
CA ASN A 499 4.61 5.75 26.08
C ASN A 499 4.06 7.15 26.38
N ASN A 500 3.00 7.13 27.17
CA ASN A 500 2.45 8.34 27.74
C ASN A 500 2.34 8.12 29.24
N ARG A 501 1.43 8.81 29.89
CA ARG A 501 1.19 8.58 31.32
C ARG A 501 -0.30 8.42 31.54
N LEU A 502 -0.93 7.65 30.66
CA LEU A 502 -2.36 7.43 30.76
C LEU A 502 -2.71 6.47 31.88
N THR A 503 -3.94 6.62 32.38
CA THR A 503 -4.41 5.84 33.53
C THR A 503 -5.81 5.31 33.26
N GLY A 504 -6.40 4.68 34.28
CA GLY A 504 -7.70 4.05 34.14
C GLY A 504 -7.64 2.71 33.40
N GLU A 505 -8.79 2.27 32.92
CA GLU A 505 -8.94 0.93 32.37
C GLU A 505 -9.07 0.94 30.87
N ILE A 506 -8.99 -0.23 30.26
CA ILE A 506 -9.41 -0.41 28.88
C ILE A 506 -10.91 -0.52 28.94
N PRO A 507 -11.60 0.47 28.38
CA PRO A 507 -13.06 0.51 28.50
C PRO A 507 -13.74 -0.67 27.81
N LYS A 508 -14.87 -1.10 28.35
CA LYS A 508 -15.57 -2.26 27.83
C LYS A 508 -16.12 -2.02 26.43
N TRP A 509 -16.34 -0.76 26.07
CA TRP A 509 -16.84 -0.44 24.73
C TRP A 509 -15.82 -0.70 23.61
N ILE A 510 -14.60 -1.09 23.96
CA ILE A 510 -13.59 -1.37 22.95
C ILE A 510 -14.11 -2.44 21.98
N GLY A 511 -14.91 -3.37 22.51
CA GLY A 511 -15.50 -4.43 21.71
C GLY A 511 -16.41 -3.96 20.58
N ARG A 512 -16.91 -2.73 20.68
CA ARG A 512 -17.72 -2.14 19.61
C ARG A 512 -16.89 -1.68 18.42
N LEU A 513 -15.57 -1.59 18.58
CA LEU A 513 -14.74 -1.12 17.47
C LEU A 513 -14.34 -2.26 16.52
N GLU A 514 -15.22 -2.54 15.55
CA GLU A 514 -15.09 -3.71 14.69
C GLU A 514 -14.05 -3.56 13.59
N ASN A 515 -13.49 -2.37 13.44
CA ASN A 515 -12.49 -2.14 12.41
C ASN A 515 -11.10 -2.06 13.04
N LEU A 516 -11.06 -2.19 14.36
CA LEU A 516 -9.84 -1.97 15.10
C LEU A 516 -8.86 -3.13 14.91
N ALA A 517 -7.70 -2.85 14.31
CA ALA A 517 -6.70 -3.87 13.99
C ALA A 517 -5.53 -3.83 14.97
N ILE A 518 -5.06 -2.63 15.26
CA ILE A 518 -3.89 -2.47 16.11
C ILE A 518 -4.28 -1.65 17.32
N LEU A 519 -4.03 -2.21 18.51
CA LEU A 519 -4.25 -1.51 19.77
C LEU A 519 -2.96 -1.62 20.60
N LYS A 520 -2.27 -0.50 20.75
CA LYS A 520 -0.99 -0.47 21.40
C LYS A 520 -1.00 0.52 22.55
N LEU A 521 -0.94 0.02 23.78
CA LEU A 521 -1.12 0.84 24.98
C LEU A 521 0.08 0.74 25.92
N SER A 522 1.19 0.23 25.42
CA SER A 522 2.30 -0.13 26.28
C SER A 522 2.99 1.07 26.94
N ASN A 523 3.62 0.79 28.07
CA ASN A 523 4.31 1.78 28.90
C ASN A 523 3.46 3.00 29.32
N ASN A 524 2.36 2.70 29.99
CA ASN A 524 1.51 3.71 30.60
C ASN A 524 1.27 3.28 32.04
N SER A 525 0.18 3.74 32.63
CA SER A 525 -0.25 3.24 33.94
C SER A 525 -1.70 2.76 33.89
N PHE A 526 -2.07 2.08 32.81
CA PHE A 526 -3.40 1.50 32.73
C PHE A 526 -3.55 0.40 33.77
N SER A 527 -4.77 0.19 34.23
CA SER A 527 -5.01 -0.76 35.32
C SER A 527 -6.33 -1.52 35.16
N GLY A 528 -6.66 -2.31 36.16
CA GLY A 528 -7.85 -3.14 36.14
C GLY A 528 -7.65 -4.39 35.31
N ASN A 529 -8.73 -5.12 35.11
CA ASN A 529 -8.73 -6.33 34.31
C ASN A 529 -8.64 -6.09 32.81
N ILE A 530 -8.20 -7.11 32.08
CA ILE A 530 -8.31 -7.10 30.63
C ILE A 530 -9.75 -7.41 30.31
N PRO A 531 -10.42 -6.53 29.54
CA PRO A 531 -11.84 -6.77 29.29
C PRO A 531 -12.07 -7.94 28.34
N ALA A 532 -13.04 -8.79 28.65
CA ALA A 532 -13.43 -9.86 27.76
C ALA A 532 -13.93 -9.33 26.42
N GLU A 533 -14.45 -8.10 26.44
CA GLU A 533 -14.99 -7.45 25.24
C GLU A 533 -13.97 -7.32 24.09
N LEU A 534 -12.69 -7.43 24.39
CA LEU A 534 -11.67 -7.46 23.33
C LEU A 534 -11.92 -8.63 22.37
N GLY A 535 -12.55 -9.69 22.90
CA GLY A 535 -12.90 -10.83 22.08
C GLY A 535 -14.02 -10.55 21.11
N ASP A 536 -14.57 -9.34 21.18
CA ASP A 536 -15.64 -8.96 20.27
C ASP A 536 -15.11 -8.14 19.09
N CYS A 537 -13.84 -7.74 19.18
CA CYS A 537 -13.21 -6.98 18.11
C CYS A 537 -12.91 -7.85 16.90
N ARG A 538 -13.67 -7.63 15.83
CA ARG A 538 -13.57 -8.48 14.65
C ARG A 538 -12.27 -8.36 13.84
N SER A 539 -11.49 -7.31 14.09
CA SER A 539 -10.30 -7.07 13.27
C SER A 539 -8.99 -7.10 14.05
N LEU A 540 -9.06 -7.40 15.34
CA LEU A 540 -7.89 -7.24 16.21
C LEU A 540 -6.76 -8.24 15.88
N ILE A 541 -5.63 -7.72 15.41
CA ILE A 541 -4.51 -8.58 15.08
C ILE A 541 -3.24 -8.27 15.87
N TRP A 542 -3.20 -7.10 16.50
CA TRP A 542 -1.99 -6.66 17.20
C TRP A 542 -2.39 -5.98 18.52
N LEU A 543 -2.15 -6.68 19.62
CA LEU A 543 -2.52 -6.19 20.94
C LEU A 543 -1.27 -6.11 21.81
N ASP A 544 -0.81 -4.89 22.08
CA ASP A 544 0.40 -4.70 22.87
C ASP A 544 0.10 -3.90 24.15
N LEU A 545 0.14 -4.59 25.27
CA LEU A 545 -0.30 -4.00 26.54
C LEU A 545 0.82 -3.96 27.56
N ASN A 546 2.04 -4.19 27.09
CA ASN A 546 3.13 -4.38 28.03
C ASN A 546 3.46 -3.15 28.86
N THR A 547 3.90 -3.39 30.09
CA THR A 547 4.34 -2.34 31.02
C THR A 547 3.21 -1.38 31.41
N ASN A 548 2.26 -1.95 32.14
CA ASN A 548 1.16 -1.21 32.72
C ASN A 548 0.91 -1.82 34.11
N LEU A 549 -0.33 -1.78 34.55
CA LEU A 549 -0.70 -2.28 35.87
C LEU A 549 -1.93 -3.16 35.76
N PHE A 550 -2.14 -3.76 34.60
CA PHE A 550 -3.28 -4.65 34.42
C PHE A 550 -3.22 -5.81 35.42
N ASN A 551 -4.37 -6.21 35.95
CA ASN A 551 -4.42 -7.33 36.88
C ASN A 551 -5.60 -8.25 36.61
N GLY A 552 -5.90 -9.13 37.56
CA GLY A 552 -6.92 -10.15 37.33
C GLY A 552 -6.40 -11.24 36.39
N THR A 553 -7.31 -12.04 35.87
CA THR A 553 -6.93 -13.19 35.06
C THR A 553 -7.20 -12.93 33.57
N ILE A 554 -6.42 -13.57 32.71
CA ILE A 554 -6.64 -13.48 31.28
C ILE A 554 -7.93 -14.19 30.94
N PRO A 555 -8.89 -13.45 30.38
CA PRO A 555 -10.22 -14.03 30.12
C PRO A 555 -10.24 -14.86 28.84
N ALA A 556 -10.79 -16.07 28.93
CA ALA A 556 -10.94 -16.96 27.79
C ALA A 556 -11.63 -16.29 26.60
N ALA A 557 -12.63 -15.46 26.88
CA ALA A 557 -13.45 -14.87 25.83
C ALA A 557 -12.68 -13.97 24.88
N MET A 558 -11.58 -13.39 25.34
CA MET A 558 -10.80 -12.48 24.50
C MET A 558 -10.26 -13.14 23.23
N PHE A 559 -10.31 -14.48 23.18
CA PHE A 559 -9.84 -15.22 22.00
C PHE A 559 -10.98 -15.75 21.14
N LYS A 560 -12.20 -15.30 21.39
CA LYS A 560 -13.35 -15.91 20.73
C LYS A 560 -13.51 -15.57 19.23
N GLN A 561 -12.85 -14.52 18.77
CA GLN A 561 -12.91 -14.16 17.35
C GLN A 561 -11.89 -14.94 16.53
N SER A 562 -11.14 -15.82 17.18
CA SER A 562 -10.11 -16.56 16.45
C SER A 562 -10.73 -17.36 15.31
N GLY A 563 -10.18 -17.20 14.11
CA GLY A 563 -10.70 -17.88 12.94
C GLY A 563 -11.69 -17.04 12.15
N LYS A 564 -11.96 -15.84 12.64
CA LYS A 564 -12.96 -14.99 11.99
C LYS A 564 -12.44 -13.57 11.77
N ILE A 565 -11.13 -13.39 11.93
CA ILE A 565 -10.51 -12.06 11.88
C ILE A 565 -10.37 -11.53 10.45
N ALA A 566 -10.75 -10.27 10.24
CA ALA A 566 -10.57 -9.61 8.95
C ALA A 566 -9.35 -8.70 9.00
N ALA A 567 -8.60 -8.63 7.91
CA ALA A 567 -7.32 -7.91 7.91
C ALA A 567 -7.04 -7.22 6.60
N ASN A 568 -8.08 -6.67 6.00
CA ASN A 568 -7.92 -5.98 4.73
C ASN A 568 -7.63 -4.49 4.92
N PHE A 569 -8.44 -3.84 5.76
CA PHE A 569 -8.37 -2.40 5.94
C PHE A 569 -6.99 -1.91 6.40
N ILE A 570 -6.35 -2.67 7.29
CA ILE A 570 -5.08 -2.26 7.90
C ILE A 570 -3.88 -2.24 6.93
N ALA A 571 -4.01 -2.97 5.83
CA ALA A 571 -2.91 -3.18 4.89
C ALA A 571 -2.43 -1.91 4.16
N GLY A 572 -1.16 -1.89 3.79
CA GLY A 572 -0.61 -0.85 2.92
C GLY A 572 -0.03 0.38 3.61
N LYS A 573 0.22 0.31 4.91
CA LYS A 573 0.68 1.47 5.66
C LYS A 573 2.13 1.31 6.14
N ARG A 574 2.93 2.38 6.06
CA ARG A 574 4.33 2.27 6.44
CA ARG A 574 4.33 2.28 6.43
C ARG A 574 4.48 2.21 7.94
N TYR A 575 5.36 1.33 8.40
CA TYR A 575 5.53 1.10 9.82
C TYR A 575 6.99 0.78 10.01
N VAL A 576 7.43 0.83 11.26
CA VAL A 576 8.67 0.21 11.65
C VAL A 576 8.39 -0.66 12.86
N TYR A 577 9.12 -1.76 12.96
CA TYR A 577 9.05 -2.62 14.11
C TYR A 577 10.44 -2.66 14.70
N ILE A 578 10.54 -2.21 15.96
CA ILE A 578 11.81 -2.12 16.63
C ILE A 578 11.86 -3.25 17.64
N LYS A 579 12.72 -4.22 17.35
CA LYS A 579 12.79 -5.44 18.13
C LYS A 579 13.60 -5.21 19.40
N ASN A 580 13.09 -5.72 20.51
CA ASN A 580 13.84 -5.75 21.76
C ASN A 580 14.90 -6.87 21.70
N ASP A 581 16.17 -6.51 21.84
CA ASP A 581 17.24 -7.53 21.71
C ASP A 581 17.47 -8.33 22.99
N GLY A 582 16.75 -7.97 24.04
CA GLY A 582 16.79 -8.72 25.30
C GLY A 582 17.98 -8.42 26.20
N MET A 583 18.88 -7.55 25.74
CA MET A 583 20.13 -7.32 26.44
C MET A 583 20.03 -6.38 27.65
N LYS A 584 18.96 -5.60 27.72
CA LYS A 584 18.85 -4.54 28.70
C LYS A 584 17.60 -4.72 29.54
N LYS A 585 17.76 -4.80 30.86
CA LYS A 585 16.63 -5.06 31.77
C LYS A 585 15.52 -4.02 31.67
N GLU A 586 15.88 -2.78 31.37
CA GLU A 586 14.92 -1.71 31.36
C GLU A 586 14.08 -1.72 30.09
N CYS A 587 14.54 -2.45 29.07
CA CYS A 587 13.83 -2.53 27.81
C CYS A 587 12.80 -3.66 27.85
N HIS A 588 11.51 -3.30 27.77
CA HIS A 588 10.42 -4.27 27.95
C HIS A 588 9.65 -4.61 26.67
N GLY A 589 9.10 -5.82 26.62
CA GLY A 589 8.24 -6.23 25.50
C GLY A 589 9.01 -6.84 24.35
N ALA A 590 8.29 -7.52 23.44
CA ALA A 590 8.90 -8.10 22.25
C ALA A 590 9.45 -7.05 21.29
N GLY A 591 8.70 -5.97 21.08
CA GLY A 591 9.15 -4.89 20.21
C GLY A 591 8.05 -3.89 19.92
N ASN A 592 8.45 -2.66 19.58
CA ASN A 592 7.51 -1.58 19.25
C ASN A 592 7.17 -1.50 17.77
N LEU A 593 5.89 -1.72 17.46
CA LEU A 593 5.32 -1.44 16.15
C LEU A 593 4.91 0.03 16.12
N LEU A 594 5.47 0.80 15.19
CA LEU A 594 5.18 2.23 15.12
C LEU A 594 4.86 2.67 13.69
N GLU A 595 3.96 3.65 13.59
CA GLU A 595 3.62 4.27 12.32
C GLU A 595 4.86 4.98 11.79
N PHE A 596 5.07 4.99 10.47
CA PHE A 596 6.32 5.57 9.97
C PHE A 596 6.22 6.25 8.60
N GLN A 597 5.02 6.70 8.24
CA GLN A 597 4.85 7.45 7.00
C GLN A 597 5.64 8.76 7.01
N GLY A 598 6.47 8.97 6.00
CA GLY A 598 7.22 10.21 5.85
C GLY A 598 8.29 10.52 6.88
N ILE A 599 8.75 9.53 7.65
CA ILE A 599 9.81 9.75 8.64
C ILE A 599 11.10 9.01 8.25
N ARG A 600 12.26 9.60 8.55
CA ARG A 600 13.53 8.93 8.27
C ARG A 600 13.97 8.02 9.42
N SER A 601 14.43 6.82 9.08
CA SER A 601 14.89 5.91 10.12
C SER A 601 16.08 6.50 10.89
N GLU A 602 16.89 7.31 10.20
CA GLU A 602 17.99 8.00 10.84
C GLU A 602 17.56 8.80 12.07
N GLN A 603 16.35 9.32 12.05
CA GLN A 603 15.85 10.10 13.17
C GLN A 603 15.29 9.24 14.32
N LEU A 604 15.32 7.91 14.17
CA LEU A 604 14.89 7.05 15.27
C LEU A 604 15.74 7.23 16.52
N ASN A 605 16.96 7.74 16.37
CA ASN A 605 17.80 8.08 17.51
C ASN A 605 17.11 9.10 18.43
N ARG A 606 16.14 9.83 17.90
CA ARG A 606 15.44 10.83 18.69
C ARG A 606 14.65 10.19 19.83
N LEU A 607 14.46 8.88 19.75
CA LEU A 607 13.79 8.12 20.81
C LEU A 607 14.65 7.87 22.05
N SER A 608 15.95 8.17 21.99
CA SER A 608 16.86 7.80 23.08
C SER A 608 16.48 8.41 24.44
N THR A 609 15.76 9.53 24.42
CA THR A 609 15.39 10.21 25.66
C THR A 609 14.06 9.72 26.22
N ARG A 610 13.42 8.80 25.51
CA ARG A 610 12.08 8.34 25.88
C ARG A 610 12.07 6.85 26.08
N ASN A 611 13.07 6.19 25.51
CA ASN A 611 13.02 4.77 25.24
C ASN A 611 14.38 4.16 25.59
N PRO A 612 14.40 3.25 26.57
CA PRO A 612 15.67 2.74 27.06
C PRO A 612 16.29 1.66 26.16
N CYS A 613 15.62 1.36 25.05
CA CYS A 613 16.07 0.34 24.12
C CYS A 613 17.25 0.78 23.26
N ASN A 614 18.20 -0.12 23.05
CA ASN A 614 19.35 0.18 22.19
C ASN A 614 18.84 0.45 20.78
N ILE A 615 19.03 1.67 20.30
CA ILE A 615 18.54 2.04 18.98
C ILE A 615 19.14 1.11 17.92
N THR A 616 20.42 0.79 18.09
CA THR A 616 21.14 -0.14 17.21
C THR A 616 20.46 -1.51 17.16
N SER A 617 19.38 -1.67 17.92
CA SER A 617 18.56 -2.86 17.82
C SER A 617 17.92 -2.93 16.45
N ARG A 618 17.47 -4.12 16.07
CA ARG A 618 16.98 -4.38 14.73
C ARG A 618 15.67 -3.64 14.41
N VAL A 619 15.72 -2.84 13.34
CA VAL A 619 14.56 -2.15 12.84
C VAL A 619 14.04 -2.87 11.59
N TYR A 620 12.83 -3.39 11.68
CA TYR A 620 12.17 -3.97 10.52
C TYR A 620 11.21 -2.91 10.00
N GLY A 621 11.03 -2.86 8.69
CA GLY A 621 10.21 -1.83 8.09
C GLY A 621 9.46 -2.35 6.89
N GLY A 622 8.51 -1.56 6.41
CA GLY A 622 7.76 -1.88 5.21
C GLY A 622 6.36 -1.27 5.28
N HIS A 623 5.46 -1.88 4.52
CA HIS A 623 4.05 -1.54 4.55
C HIS A 623 3.28 -2.72 5.12
N THR A 624 2.31 -2.45 5.98
CA THR A 624 1.54 -3.50 6.62
C THR A 624 0.98 -4.46 5.58
N SER A 625 1.18 -5.75 5.80
CA SER A 625 0.65 -6.76 4.91
C SER A 625 0.32 -8.02 5.70
N PRO A 626 -0.92 -8.10 6.21
CA PRO A 626 -1.35 -9.29 6.95
C PRO A 626 -1.16 -10.56 6.11
N THR A 627 -1.03 -11.71 6.77
CA THR A 627 -0.82 -12.97 6.07
C THR A 627 -2.11 -13.60 5.56
N PHE A 628 -3.25 -13.16 6.09
CA PHE A 628 -4.56 -13.61 5.63
C PHE A 628 -5.38 -12.38 5.26
N ASP A 629 -6.51 -12.59 4.59
CA ASP A 629 -7.43 -11.49 4.32
C ASP A 629 -8.62 -11.56 5.29
N ASN A 630 -9.14 -12.77 5.45
CA ASN A 630 -10.23 -13.02 6.37
C ASN A 630 -10.07 -14.39 7.05
N ASN A 631 -10.87 -14.63 8.08
CA ASN A 631 -10.82 -15.89 8.80
C ASN A 631 -9.44 -16.15 9.44
N GLY A 632 -8.75 -15.08 9.80
CA GLY A 632 -7.47 -15.19 10.46
C GLY A 632 -7.60 -15.19 11.98
N SER A 633 -6.52 -14.81 12.65
CA SER A 633 -6.52 -14.72 14.11
C SER A 633 -5.57 -13.62 14.50
N MET A 634 -5.48 -13.35 15.80
CA MET A 634 -4.49 -12.41 16.30
C MET A 634 -3.11 -12.85 15.82
N MET A 635 -2.23 -11.88 15.60
CA MET A 635 -0.89 -12.16 15.15
C MET A 635 0.17 -11.85 16.21
N PHE A 636 -0.18 -10.99 17.15
CA PHE A 636 0.80 -10.46 18.09
C PHE A 636 0.09 -10.14 19.39
N LEU A 637 0.52 -10.80 20.46
CA LEU A 637 -0.07 -10.59 21.77
C LEU A 637 1.04 -10.40 22.80
N ASP A 638 1.11 -9.21 23.37
CA ASP A 638 2.12 -8.93 24.36
C ASP A 638 1.44 -8.29 25.56
N MET A 639 1.41 -9.02 26.68
CA MET A 639 0.83 -8.52 27.92
C MET A 639 1.83 -8.61 29.07
N SER A 640 3.12 -8.58 28.70
CA SER A 640 4.21 -8.66 29.68
C SER A 640 4.32 -7.43 30.61
N TYR A 641 5.00 -7.63 31.74
CA TYR A 641 5.19 -6.59 32.76
C TYR A 641 3.90 -5.95 33.20
N ASN A 642 2.97 -6.79 33.65
CA ASN A 642 1.79 -6.34 34.33
C ASN A 642 1.67 -7.13 35.63
N MET A 643 0.45 -7.27 36.14
CA MET A 643 0.23 -8.03 37.37
C MET A 643 -0.87 -9.07 37.19
N LEU A 644 -0.91 -9.65 35.99
CA LEU A 644 -1.87 -10.68 35.66
C LEU A 644 -1.64 -11.91 36.53
N SER A 645 -2.72 -12.57 36.92
CA SER A 645 -2.64 -13.75 37.77
C SER A 645 -3.57 -14.83 37.25
N GLY A 646 -3.81 -15.86 38.06
CA GLY A 646 -4.58 -17.01 37.61
C GLY A 646 -3.90 -17.77 36.48
N TYR A 647 -4.69 -18.53 35.75
CA TYR A 647 -4.19 -19.50 34.77
C TYR A 647 -4.30 -19.00 33.33
N ILE A 648 -3.50 -19.57 32.45
CA ILE A 648 -3.62 -19.30 31.02
C ILE A 648 -4.78 -20.13 30.46
N PRO A 649 -5.81 -19.47 29.90
CA PRO A 649 -6.91 -20.25 29.33
C PRO A 649 -6.41 -21.08 28.14
N LYS A 650 -6.96 -22.28 28.00
CA LYS A 650 -6.62 -23.18 26.90
C LYS A 650 -6.94 -22.56 25.54
N GLU A 651 -7.80 -21.56 25.53
CA GLU A 651 -8.18 -20.87 24.30
C GLU A 651 -7.00 -20.12 23.70
N ILE A 652 -5.94 -19.97 24.48
CA ILE A 652 -4.77 -19.27 24.00
C ILE A 652 -4.19 -19.98 22.78
N GLY A 653 -4.46 -21.27 22.66
CA GLY A 653 -3.87 -22.04 21.59
C GLY A 653 -4.66 -22.04 20.29
N SER A 654 -5.69 -21.21 20.23
CA SER A 654 -6.61 -21.23 19.10
C SER A 654 -6.26 -20.23 18.01
N MET A 655 -5.03 -19.72 18.02
CA MET A 655 -4.65 -18.65 17.09
C MET A 655 -3.50 -19.05 16.15
N PRO A 656 -3.86 -19.63 15.00
CA PRO A 656 -2.90 -20.21 14.05
C PRO A 656 -1.97 -19.17 13.43
N TYR A 657 -2.38 -17.91 13.38
CA TYR A 657 -1.54 -16.84 12.85
C TYR A 657 -0.74 -16.08 13.91
N LEU A 658 -0.81 -16.52 15.15
CA LEU A 658 -0.06 -15.84 16.21
C LEU A 658 1.45 -16.08 16.04
N PHE A 659 2.20 -15.01 15.80
CA PHE A 659 3.65 -15.10 15.61
C PHE A 659 4.40 -14.86 16.92
N ILE A 660 3.83 -14.03 17.77
CA ILE A 660 4.51 -13.63 18.99
C ILE A 660 3.56 -13.68 20.17
N LEU A 661 3.95 -14.41 21.20
CA LEU A 661 3.19 -14.48 22.44
C LEU A 661 4.11 -14.18 23.62
N ASN A 662 3.83 -13.07 24.28
CA ASN A 662 4.68 -12.62 25.36
C ASN A 662 3.83 -12.33 26.58
N LEU A 663 3.93 -13.21 27.57
CA LEU A 663 3.21 -13.06 28.82
C LEU A 663 4.19 -12.97 29.99
N GLY A 664 5.45 -12.69 29.68
CA GLY A 664 6.49 -12.63 30.69
C GLY A 664 6.29 -11.60 31.78
N HIS A 665 6.87 -11.89 32.95
CA HIS A 665 6.86 -10.97 34.08
C HIS A 665 5.46 -10.58 34.49
N ASN A 666 4.65 -11.57 34.84
CA ASN A 666 3.38 -11.32 35.51
C ASN A 666 3.36 -12.15 36.78
N ASP A 667 2.19 -12.65 37.17
CA ASP A 667 2.07 -13.55 38.33
C ASP A 667 1.18 -14.72 37.94
N ILE A 668 1.30 -15.14 36.70
CA ILE A 668 0.46 -16.21 36.18
C ILE A 668 0.92 -17.55 36.79
N SER A 669 -0.04 -18.34 37.22
CA SER A 669 0.26 -19.63 37.82
C SER A 669 -0.43 -20.75 37.06
N GLY A 670 -0.56 -21.92 37.69
CA GLY A 670 -1.04 -23.10 37.01
C GLY A 670 0.01 -23.56 36.00
N SER A 671 -0.41 -24.36 35.02
CA SER A 671 0.55 -24.94 34.11
C SER A 671 0.36 -24.47 32.66
N ILE A 672 1.41 -24.61 31.86
CA ILE A 672 1.33 -24.30 30.43
C ILE A 672 0.34 -25.25 29.78
N PRO A 673 -0.72 -24.73 29.15
CA PRO A 673 -1.74 -25.58 28.52
C PRO A 673 -1.20 -26.34 27.31
N ASP A 674 -1.64 -27.59 27.14
CA ASP A 674 -1.23 -28.42 26.01
C ASP A 674 -1.53 -27.73 24.68
N GLU A 675 -2.60 -26.94 24.65
CA GLU A 675 -3.03 -26.24 23.44
C GLU A 675 -2.00 -25.23 22.91
N VAL A 676 -1.02 -24.85 23.73
CA VAL A 676 0.05 -23.98 23.26
C VAL A 676 0.78 -24.65 22.09
N GLY A 677 0.79 -25.99 22.10
CA GLY A 677 1.36 -26.75 21.00
C GLY A 677 0.57 -26.61 19.71
N ASP A 678 -0.61 -25.98 19.77
CA ASP A 678 -1.40 -25.75 18.57
C ASP A 678 -1.03 -24.48 17.81
N LEU A 679 -0.13 -23.67 18.39
CA LEU A 679 0.22 -22.37 17.81
C LEU A 679 1.31 -22.50 16.75
N ARG A 680 0.95 -23.07 15.60
CA ARG A 680 1.93 -23.49 14.60
C ARG A 680 2.75 -22.36 13.96
N GLY A 681 2.19 -21.16 13.89
CA GLY A 681 2.94 -20.03 13.33
C GLY A 681 3.86 -19.34 14.33
N LEU A 682 3.89 -19.83 15.58
CA LEU A 682 4.60 -19.16 16.68
C LEU A 682 6.10 -19.05 16.45
N ASN A 683 6.62 -17.82 16.44
CA ASN A 683 8.07 -17.59 16.37
C ASN A 683 8.65 -17.30 17.76
N ILE A 684 7.88 -16.60 18.58
CA ILE A 684 8.38 -16.16 19.87
C ILE A 684 7.41 -16.48 20.98
N LEU A 685 7.89 -17.23 21.95
CA LEU A 685 7.10 -17.56 23.14
C LEU A 685 7.86 -17.13 24.38
N ASP A 686 7.35 -16.12 25.08
CA ASP A 686 7.97 -15.68 26.31
C ASP A 686 6.97 -15.78 27.47
N LEU A 687 7.25 -16.73 28.37
CA LEU A 687 6.40 -16.98 29.54
C LEU A 687 7.21 -16.87 30.82
N SER A 688 8.37 -16.24 30.72
CA SER A 688 9.31 -16.13 31.82
C SER A 688 8.88 -15.20 32.98
N SER A 689 9.42 -15.47 34.16
CA SER A 689 9.17 -14.66 35.36
C SER A 689 7.70 -14.64 35.69
N ASN A 690 7.13 -15.82 35.84
CA ASN A 690 5.77 -16.00 36.28
C ASN A 690 5.78 -16.99 37.44
N LYS A 691 4.68 -17.70 37.66
CA LYS A 691 4.67 -18.73 38.68
C LYS A 691 4.11 -20.05 38.14
N LEU A 692 4.34 -20.28 36.86
CA LEU A 692 3.88 -21.49 36.20
C LEU A 692 4.53 -22.72 36.82
N ASP A 693 3.75 -23.77 36.97
CA ASP A 693 4.30 -25.04 37.47
C ASP A 693 3.89 -26.22 36.59
N GLY A 694 4.23 -27.42 37.03
CA GLY A 694 3.98 -28.62 36.27
C GLY A 694 5.00 -28.82 35.16
N ARG A 695 4.67 -29.70 34.21
CA ARG A 695 5.60 -30.05 33.16
C ARG A 695 5.38 -29.22 31.90
N ILE A 696 6.44 -29.06 31.14
CA ILE A 696 6.32 -28.51 29.79
C ILE A 696 5.64 -29.57 28.94
N PRO A 697 4.46 -29.26 28.40
CA PRO A 697 3.75 -30.28 27.62
C PRO A 697 4.54 -30.79 26.42
N GLN A 698 4.61 -32.12 26.27
CA GLN A 698 5.26 -32.72 25.13
C GLN A 698 4.67 -32.16 23.83
N ALA A 699 3.38 -31.82 23.88
CA ALA A 699 2.67 -31.26 22.73
C ALA A 699 3.40 -30.06 22.08
N MET A 700 4.27 -29.41 22.85
CA MET A 700 5.02 -28.28 22.33
C MET A 700 6.15 -28.70 21.39
N SER A 701 6.43 -29.99 21.32
CA SER A 701 7.38 -30.54 20.36
C SER A 701 6.94 -30.33 18.92
N ALA A 702 5.66 -30.02 18.74
CA ALA A 702 5.07 -29.91 17.41
C ALA A 702 5.37 -28.55 16.77
N LEU A 703 5.71 -27.58 17.61
CA LEU A 703 6.05 -26.23 17.13
C LEU A 703 7.37 -26.29 16.38
N THR A 704 7.42 -25.70 15.18
CA THR A 704 8.57 -25.85 14.30
C THR A 704 9.18 -24.52 13.92
N MET A 705 8.46 -23.44 14.18
CA MET A 705 8.89 -22.11 13.74
C MET A 705 9.48 -21.24 14.84
N LEU A 706 9.65 -21.81 16.03
CA LEU A 706 10.18 -21.03 17.15
C LEU A 706 11.59 -20.49 16.86
N THR A 707 11.76 -19.18 16.97
CA THR A 707 13.08 -18.58 16.93
C THR A 707 13.50 -18.12 18.32
N GLU A 708 12.54 -17.97 19.23
CA GLU A 708 12.83 -17.57 20.61
C GLU A 708 11.85 -18.17 21.61
N ILE A 709 12.36 -18.77 22.67
CA ILE A 709 11.51 -19.20 23.76
C ILE A 709 12.14 -18.73 25.05
N ASP A 710 11.31 -18.48 26.06
CA ASP A 710 11.85 -18.19 27.39
C ASP A 710 10.88 -18.66 28.46
N LEU A 711 11.33 -19.64 29.26
CA LEU A 711 10.50 -20.20 30.32
C LEU A 711 11.18 -20.06 31.68
N SER A 712 12.29 -19.32 31.71
CA SER A 712 13.07 -19.15 32.93
C SER A 712 12.29 -18.43 34.03
N ASN A 713 12.73 -18.64 35.26
CA ASN A 713 12.11 -18.01 36.42
C ASN A 713 10.64 -18.38 36.60
N ASN A 714 10.36 -19.67 36.63
CA ASN A 714 9.03 -20.13 36.98
C ASN A 714 9.19 -21.23 38.03
N ASN A 715 8.23 -22.13 38.14
CA ASN A 715 8.40 -23.29 39.00
C ASN A 715 8.06 -24.58 38.24
N LEU A 716 8.58 -24.65 37.02
CA LEU A 716 8.36 -25.80 36.15
C LEU A 716 9.22 -26.97 36.61
N SER A 717 8.76 -28.19 36.33
CA SER A 717 9.50 -29.38 36.74
C SER A 717 9.38 -30.49 35.71
N GLY A 718 10.18 -31.53 35.89
CA GLY A 718 10.17 -32.65 34.97
C GLY A 718 11.06 -32.39 33.78
N PRO A 719 11.02 -33.29 32.81
CA PRO A 719 11.99 -33.18 31.72
C PRO A 719 11.59 -32.15 30.67
N ILE A 720 12.59 -31.49 30.13
CA ILE A 720 12.41 -30.70 28.94
C ILE A 720 12.22 -31.68 27.79
N PRO A 721 11.17 -31.47 26.98
CA PRO A 721 10.92 -32.37 25.85
C PRO A 721 12.15 -32.52 24.95
N GLU A 722 12.39 -33.75 24.54
CA GLU A 722 13.53 -34.17 23.74
C GLU A 722 13.30 -33.82 22.28
N MET A 723 12.05 -33.92 21.84
CA MET A 723 11.73 -33.67 20.44
C MET A 723 11.36 -32.22 20.29
N GLY A 724 11.38 -31.72 19.06
CA GLY A 724 11.09 -30.33 18.81
C GLY A 724 12.32 -29.46 18.94
N GLN A 725 12.09 -28.17 19.16
CA GLN A 725 13.17 -27.19 19.07
C GLN A 725 13.85 -26.89 20.39
N PHE A 726 13.38 -27.53 21.45
CA PHE A 726 13.88 -27.25 22.78
C PHE A 726 15.41 -27.36 22.90
N GLU A 727 15.98 -28.36 22.27
CA GLU A 727 17.40 -28.68 22.44
C GLU A 727 18.28 -27.64 21.77
N THR A 728 17.68 -26.79 20.95
CA THR A 728 18.45 -25.80 20.21
C THR A 728 18.63 -24.51 20.98
N PHE A 729 17.87 -24.35 22.06
CA PHE A 729 17.91 -23.15 22.88
C PHE A 729 18.85 -23.28 24.06
N PRO A 730 19.47 -22.16 24.48
CA PRO A 730 20.48 -22.15 25.54
C PRO A 730 19.85 -22.42 26.91
N PRO A 731 20.65 -22.94 27.84
CA PRO A 731 20.18 -23.24 29.20
C PRO A 731 19.53 -22.03 29.83
N ALA A 732 20.03 -20.84 29.50
CA ALA A 732 19.48 -19.61 30.04
C ALA A 732 17.96 -19.53 29.87
N LYS A 733 17.44 -20.10 28.80
CA LYS A 733 16.00 -19.97 28.54
C LYS A 733 15.17 -20.84 29.49
N PHE A 734 15.83 -21.65 30.29
CA PHE A 734 15.15 -22.61 31.17
C PHE A 734 15.58 -22.52 32.63
N LEU A 735 16.46 -21.57 32.94
CA LEU A 735 17.06 -21.50 34.28
C LEU A 735 16.07 -21.02 35.33
N ASN A 736 16.42 -21.24 36.59
CA ASN A 736 15.56 -20.87 37.71
C ASN A 736 14.20 -21.57 37.65
N ASN A 737 14.22 -22.85 37.28
CA ASN A 737 13.10 -23.74 37.50
C ASN A 737 13.62 -24.95 38.25
N PRO A 738 13.62 -24.86 39.59
CA PRO A 738 14.17 -25.89 40.48
C PRO A 738 13.94 -27.35 40.03
N GLY A 739 12.73 -27.71 39.61
CA GLY A 739 12.46 -29.09 39.23
C GLY A 739 12.80 -29.47 37.79
N LEU A 740 13.15 -28.49 36.99
CA LEU A 740 13.37 -28.70 35.56
C LEU A 740 14.70 -29.40 35.26
N CYS A 741 14.67 -30.38 34.36
CA CYS A 741 15.89 -31.12 34.02
C CYS A 741 15.85 -31.64 32.58
N GLY A 742 16.99 -32.15 32.12
CA GLY A 742 17.10 -32.63 30.75
C GLY A 742 17.70 -31.58 29.83
N TYR A 743 18.50 -32.05 28.87
CA TYR A 743 19.22 -31.19 27.95
C TYR A 743 18.33 -30.05 27.40
N PRO A 744 18.85 -28.81 27.37
CA PRO A 744 20.21 -28.40 27.69
C PRO A 744 20.52 -28.26 29.18
N LEU A 745 19.55 -28.53 30.05
CA LEU A 745 19.84 -28.64 31.48
C LEU A 745 20.53 -29.97 31.80
N PRO A 746 21.08 -30.09 33.02
CA PRO A 746 21.62 -31.40 33.42
C PRO A 746 20.54 -32.44 33.28
N ARG A 747 20.93 -33.63 32.84
CA ARG A 747 20.05 -34.76 32.70
C ARG A 747 19.22 -35.03 33.96
N CYS A 748 17.95 -35.33 33.77
CA CYS A 748 17.10 -35.69 34.89
C CYS A 748 17.73 -36.85 35.64
N ASP A 749 17.88 -36.68 36.94
CA ASP A 749 18.42 -37.71 37.80
C ASP A 749 17.47 -37.89 38.98
N PRO A 750 16.70 -38.99 38.97
CA PRO A 750 15.75 -39.36 40.02
C PRO A 750 16.24 -39.03 41.44
N SER A 751 17.50 -39.32 41.72
CA SER A 751 18.04 -39.08 43.06
C SER A 751 18.71 -37.71 43.20
N ASN A 752 17.90 -36.70 43.49
CA ASN A 752 18.42 -35.36 43.76
C ASN A 752 18.28 -34.98 45.23
#